data_4ASJ
#
_entry.id   4ASJ
#
_cell.length_a   64.170
_cell.length_b   154.560
_cell.length_c   134.680
_cell.angle_alpha   90.00
_cell.angle_beta   92.20
_cell.angle_gamma   90.00
#
_symmetry.space_group_name_H-M   'C 1 2 1'
#
loop_
_entity.id
_entity.type
_entity.pdbx_description
1 polymer 'GLUCOSE-1-PHOSPHATE THYMIDYLYLTRANSFERASE'
2 non-polymer N-(6-amino-1-benzyl-2,4-dioxo-1,2,3,4-tetrahydropyrimidin-5-yl)-N-methylbenzenesulfonamide
3 non-polymer 'CHLORIDE ION'
4 non-polymer 'PHOSPHATE ION'
5 water water
#
_entity_poly.entity_id   1
_entity_poly.type   'polypeptide(L)'
_entity_poly.pdbx_seq_one_letter_code
;MKRKGIILAGGSGTRLHPATLAISKQLLPVYDKPMIYYPLSTLMLAGIREILIISTPQDTPRFQQLLGDGSNWGLDLQYA
VQPSPDGLAQAFLIGESFIGNDLSALVLGDNLYYGHDFHELLGSASQRQTGASVFAYHVLDPERYGVVEFDQGGKAISLE
EKPLEPKSNYAVTGLYFYDQQVVDIARDLKPSPRGELEITDVNRAYLERGQLSVEIMGRGYAWLDTGTHDSLLEAGQFIA
TLENRQGLKVACPEEIAYRQKWIDAAQLEKLAAPLAKNGYGQYLKRLLTETVY
;
_entity_poly.pdbx_strand_id   A,B,C,D
#
loop_
_chem_comp.id
_chem_comp.type
_chem_comp.name
_chem_comp.formula
CL non-polymer 'CHLORIDE ION' 'Cl -1'
N6A non-polymer N-(6-amino-1-benzyl-2,4-dioxo-1,2,3,4-tetrahydropyrimidin-5-yl)-N-methylbenzenesulfonamide 'C18 H18 N4 O4 S'
PO4 non-polymer 'PHOSPHATE ION' 'O4 P -3'
#
# COMPACT_ATOMS: atom_id res chain seq x y z
N LYS A 2 -10.80 16.87 18.28
CA LYS A 2 -10.11 15.56 18.01
C LYS A 2 -8.71 15.78 17.48
N ARG A 3 -7.86 14.76 17.64
CA ARG A 3 -6.44 14.84 17.31
C ARG A 3 -6.05 13.79 16.25
N LYS A 4 -5.40 14.26 15.19
CA LYS A 4 -4.88 13.41 14.17
C LYS A 4 -3.43 13.04 14.53
N GLY A 5 -3.01 11.85 14.18
CA GLY A 5 -1.61 11.45 14.41
C GLY A 5 -0.82 11.23 13.14
N ILE A 6 0.48 11.46 13.23
CA ILE A 6 1.38 11.27 12.12
C ILE A 6 2.57 10.45 12.65
N ILE A 7 2.99 9.47 11.84
CA ILE A 7 4.16 8.64 12.16
C ILE A 7 5.15 8.77 11.02
N LEU A 8 6.34 9.19 11.35
CA LEU A 8 7.37 9.42 10.36
C LEU A 8 8.31 8.23 10.32
N ALA A 9 8.25 7.50 9.21
CA ALA A 9 8.92 6.23 9.04
C ALA A 9 9.59 6.12 7.62
N GLY A 10 10.34 7.16 7.30
CA GLY A 10 10.95 7.31 5.98
C GLY A 10 12.37 6.82 5.95
N GLY A 11 13.17 7.39 5.05
CA GLY A 11 14.56 6.99 4.89
C GLY A 11 15.37 7.29 6.15
N SER A 12 16.15 6.30 6.60
CA SER A 12 17.24 6.54 7.57
C SER A 12 18.57 6.79 6.82
N GLY A 13 18.47 7.13 5.55
CA GLY A 13 19.63 7.33 4.67
C GLY A 13 20.48 6.07 4.47
N THR A 14 21.80 6.23 4.63
CA THR A 14 22.76 5.14 4.53
C THR A 14 23.32 4.77 5.91
N ARG A 15 22.84 5.45 6.94
CA ARG A 15 23.42 5.38 8.26
C ARG A 15 23.58 3.94 8.72
N LEU A 16 22.58 3.10 8.46
CA LEU A 16 22.59 1.73 8.95
C LEU A 16 22.74 0.70 7.84
N HIS A 17 23.30 1.12 6.73
CA HIS A 17 23.69 0.21 5.69
C HIS A 17 24.88 -0.53 6.19
N PRO A 18 24.96 -1.85 5.87
CA PRO A 18 24.09 -2.59 4.95
C PRO A 18 22.84 -3.27 5.55
N ALA A 19 22.76 -3.34 6.89
CA ALA A 19 21.61 -3.94 7.56
C ALA A 19 20.29 -3.48 6.94
N THR A 20 20.15 -2.17 6.72
CA THR A 20 18.93 -1.61 6.18
C THR A 20 18.84 -1.42 4.65
N LEU A 21 19.69 -2.07 3.85
CA LEU A 21 19.69 -1.84 2.37
C LEU A 21 18.46 -2.45 1.68
N ALA A 22 17.96 -3.58 2.20
CA ALA A 22 16.84 -4.27 1.59
C ALA A 22 15.50 -3.80 2.07
N ILE A 23 15.44 -3.20 3.24
CA ILE A 23 14.16 -2.86 3.90
C ILE A 23 14.39 -1.70 4.85
N SER A 24 13.35 -0.95 5.13
CA SER A 24 13.53 0.21 5.95
C SER A 24 13.54 -0.11 7.43
N LYS A 25 14.12 0.82 8.15
CA LYS A 25 14.46 0.59 9.52
C LYS A 25 13.20 0.29 10.34
N GLN A 26 12.07 0.90 9.97
CA GLN A 26 10.91 0.88 10.86
C GLN A 26 10.12 -0.40 10.66
N LEU A 27 10.59 -1.24 9.75
CA LEU A 27 9.98 -2.55 9.53
C LEU A 27 10.89 -3.63 10.08
N LEU A 28 12.06 -3.26 10.59
CA LEU A 28 12.89 -4.20 11.31
C LEU A 28 12.20 -4.57 12.59
N PRO A 29 12.49 -5.76 13.12
CA PRO A 29 11.77 -6.04 14.33
C PRO A 29 12.53 -5.57 15.53
N VAL A 30 11.79 -5.20 16.57
CA VAL A 30 12.35 -5.12 17.89
C VAL A 30 11.78 -6.32 18.60
N TYR A 31 12.61 -7.33 18.79
CA TYR A 31 12.25 -8.62 19.43
C TYR A 31 11.18 -9.41 18.69
N ASP A 32 9.91 -9.16 18.97
CA ASP A 32 8.88 -10.01 18.40
C ASP A 32 7.95 -9.26 17.46
N LYS A 33 8.19 -7.96 17.26
CA LYS A 33 7.34 -7.21 16.39
C LYS A 33 8.05 -6.13 15.56
N PRO A 34 7.42 -5.76 14.43
CA PRO A 34 8.01 -4.66 13.68
C PRO A 34 8.10 -3.37 14.49
N MET A 35 9.16 -2.61 14.26
CA MET A 35 9.46 -1.40 15.02
C MET A 35 8.32 -0.40 15.07
N ILE A 36 7.60 -0.26 13.97
CA ILE A 36 6.54 0.71 13.86
C ILE A 36 5.30 0.32 14.72
N TYR A 37 5.17 -0.95 15.09
CA TYR A 37 4.15 -1.31 16.10
C TYR A 37 4.22 -0.45 17.40
N TYR A 38 5.43 -0.16 17.86
CA TYR A 38 5.62 0.55 19.14
C TYR A 38 5.07 1.99 19.12
N PRO A 39 5.53 2.83 18.19
CA PRO A 39 4.96 4.16 18.16
C PRO A 39 3.48 4.16 17.71
N LEU A 40 3.08 3.14 16.96
CA LEU A 40 1.70 3.02 16.57
C LEU A 40 0.89 2.82 17.83
N SER A 41 1.33 1.84 18.62
CA SER A 41 0.71 1.61 19.93
C SER A 41 0.74 2.85 20.83
N THR A 42 1.78 3.66 20.69
CA THR A 42 1.92 4.91 21.45
C THR A 42 0.82 5.91 21.13
N LEU A 43 0.61 6.17 19.86
CA LEU A 43 -0.50 7.04 19.41
C LEU A 43 -1.82 6.46 19.85
N MET A 44 -2.00 5.14 19.77
CA MET A 44 -3.27 4.48 20.24
C MET A 44 -3.50 4.77 21.71
N LEU A 45 -2.45 4.67 22.51
CA LEU A 45 -2.53 4.85 23.97
C LEU A 45 -2.97 6.27 24.22
N ALA A 46 -2.54 7.21 23.38
CA ALA A 46 -2.95 8.60 23.47
C ALA A 46 -4.41 8.79 23.05
N GLY A 47 -5.10 7.72 22.67
CA GLY A 47 -6.48 7.78 22.15
C GLY A 47 -6.68 8.29 20.70
N ILE A 48 -5.61 8.28 19.91
CA ILE A 48 -5.63 8.72 18.50
C ILE A 48 -5.94 7.55 17.55
N ARG A 49 -6.94 7.74 16.66
CA ARG A 49 -7.46 6.66 15.77
C ARG A 49 -7.30 6.94 14.28
N GLU A 50 -7.18 8.21 13.89
CA GLU A 50 -6.86 8.58 12.50
C GLU A 50 -5.39 8.95 12.42
N ILE A 51 -4.64 8.14 11.67
CA ILE A 51 -3.23 8.25 11.66
C ILE A 51 -2.68 8.11 10.24
N LEU A 52 -1.77 9.02 9.92
CA LEU A 52 -1.02 9.05 8.69
C LEU A 52 0.34 8.44 8.88
N ILE A 53 0.67 7.47 8.03
CA ILE A 53 1.98 6.90 7.99
C ILE A 53 2.75 7.51 6.82
N ILE A 54 3.85 8.19 7.13
CA ILE A 54 4.74 8.72 6.12
C ILE A 54 6.03 7.86 5.95
N SER A 55 6.14 7.14 4.84
CA SER A 55 7.32 6.35 4.49
C SER A 55 7.97 6.75 3.15
N THR A 56 9.00 6.00 2.72
CA THR A 56 9.55 6.17 1.39
C THR A 56 8.61 5.57 0.38
N PRO A 57 8.66 6.08 -0.88
CA PRO A 57 7.89 5.47 -1.98
C PRO A 57 8.15 3.94 -2.11
N GLN A 58 9.39 3.52 -1.96
CA GLN A 58 9.71 2.10 -2.12
C GLN A 58 9.07 1.19 -1.08
N ASP A 59 8.83 1.71 0.12
CA ASP A 59 8.44 0.81 1.26
C ASP A 59 7.02 1.01 1.74
N THR A 60 6.33 2.01 1.18
CA THR A 60 4.98 2.30 1.54
C THR A 60 4.11 1.04 1.37
N PRO A 61 4.27 0.28 0.24
CA PRO A 61 3.48 -0.93 0.06
C PRO A 61 3.69 -1.96 1.16
N ARG A 62 4.92 -2.07 1.64
CA ARG A 62 5.25 -2.98 2.73
C ARG A 62 4.66 -2.49 4.05
N PHE A 63 4.64 -1.16 4.28
CA PHE A 63 3.83 -0.63 5.37
C PHE A 63 2.33 -0.97 5.14
N GLN A 64 1.79 -0.65 3.97
CA GLN A 64 0.38 -0.98 3.73
C GLN A 64 0.04 -2.49 3.92
N GLN A 65 0.95 -3.36 3.50
CA GLN A 65 0.80 -4.80 3.55
C GLN A 65 0.69 -5.23 5.01
N LEU A 66 1.54 -4.61 5.85
CA LEU A 66 1.57 -4.93 7.28
C LEU A 66 0.35 -4.43 8.01
N LEU A 67 -0.01 -3.17 7.79
CA LEU A 67 -0.96 -2.40 8.61
C LEU A 67 -2.34 -2.15 7.97
N GLY A 68 -2.42 -2.23 6.65
CA GLY A 68 -3.72 -2.05 5.96
C GLY A 68 -4.29 -0.66 6.16
N ASP A 69 -5.61 -0.58 6.16
CA ASP A 69 -6.31 0.70 6.40
C ASP A 69 -6.67 0.87 7.88
N GLY A 70 -6.31 -0.10 8.71
CA GLY A 70 -6.43 0.07 10.18
C GLY A 70 -7.75 -0.40 10.76
N SER A 71 -8.68 -0.77 9.87
CA SER A 71 -10.03 -1.11 10.24
C SER A 71 -10.11 -2.37 11.12
N ASN A 72 -9.16 -3.30 10.95
CA ASN A 72 -9.08 -4.47 11.82
C ASN A 72 -8.81 -4.12 13.30
N TRP A 73 -8.22 -2.96 13.55
CA TRP A 73 -7.87 -2.56 14.93
C TRP A 73 -8.54 -1.30 15.33
N GLY A 74 -9.65 -0.95 14.67
CA GLY A 74 -10.40 0.24 15.06
C GLY A 74 -9.81 1.55 14.61
N LEU A 75 -8.88 1.54 13.67
CA LEU A 75 -8.20 2.74 13.23
C LEU A 75 -8.60 3.08 11.76
N ASP A 76 -8.29 4.28 11.31
CA ASP A 76 -8.25 4.54 9.88
C ASP A 76 -6.88 5.09 9.63
N LEU A 77 -6.09 4.31 8.89
CA LEU A 77 -4.69 4.62 8.65
C LEU A 77 -4.66 5.04 7.22
N GLN A 78 -4.07 6.22 6.96
CA GLN A 78 -3.80 6.73 5.62
C GLN A 78 -2.30 6.84 5.37
N TYR A 79 -1.91 6.81 4.11
CA TYR A 79 -0.50 6.66 3.73
C TYR A 79 -0.03 7.79 2.85
N ALA A 80 1.19 8.26 3.11
CA ALA A 80 1.84 9.30 2.32
C ALA A 80 3.32 9.03 2.18
N VAL A 81 3.87 9.48 1.04
CA VAL A 81 5.25 9.20 0.72
C VAL A 81 6.14 10.46 0.91
N GLN A 82 7.38 10.25 1.37
CA GLN A 82 8.42 11.29 1.43
C GLN A 82 9.55 10.88 0.47
N PRO A 83 9.66 11.57 -0.68
CA PRO A 83 10.66 11.20 -1.72
C PRO A 83 12.12 11.46 -1.35
N SER A 84 12.34 12.39 -0.43
CA SER A 84 13.67 12.90 -0.09
C SER A 84 13.62 13.34 1.37
N PRO A 85 14.57 12.87 2.20
CA PRO A 85 14.47 13.06 3.65
C PRO A 85 14.87 14.46 4.15
N ASP A 86 14.09 15.46 3.78
CA ASP A 86 14.44 16.87 4.07
C ASP A 86 14.03 17.37 5.46
N GLY A 87 13.85 16.46 6.42
CA GLY A 87 13.60 16.83 7.84
C GLY A 87 12.23 16.49 8.41
N LEU A 88 12.16 16.32 9.73
CA LEU A 88 10.95 15.90 10.46
C LEU A 88 9.75 16.88 10.36
N ALA A 89 10.04 18.18 10.30
CA ALA A 89 9.03 19.22 10.19
C ALA A 89 8.32 19.22 8.84
N GLN A 90 8.89 18.53 7.84
CA GLN A 90 8.25 18.36 6.54
C GLN A 90 6.95 17.54 6.71
N ALA A 91 6.81 16.83 7.83
CA ALA A 91 5.59 16.05 8.07
C ALA A 91 4.34 16.89 7.88
N PHE A 92 4.36 18.10 8.41
CA PHE A 92 3.13 18.89 8.45
C PHE A 92 2.67 19.35 7.08
N LEU A 93 3.64 19.61 6.22
CA LEU A 93 3.40 19.99 4.85
C LEU A 93 2.87 18.80 4.06
N ILE A 94 3.57 17.68 4.12
CA ILE A 94 3.11 16.42 3.50
C ILE A 94 1.75 15.98 4.06
N GLY A 95 1.59 16.07 5.37
CA GLY A 95 0.32 15.72 6.04
C GLY A 95 -0.70 16.86 6.17
N GLU A 96 -0.39 18.01 5.57
CA GLU A 96 -1.26 19.21 5.65
C GLU A 96 -2.77 18.98 5.39
N SER A 97 -3.11 18.28 4.31
CA SER A 97 -4.52 18.05 4.00
C SER A 97 -5.11 16.92 4.88
N PHE A 98 -4.31 15.89 5.16
CA PHE A 98 -4.67 14.90 6.20
C PHE A 98 -5.02 15.60 7.53
N ILE A 99 -4.23 16.61 7.91
CA ILE A 99 -4.47 17.28 9.18
C ILE A 99 -5.74 18.10 9.15
N GLY A 100 -5.94 18.85 8.08
CA GLY A 100 -7.04 19.81 8.02
C GLY A 100 -6.90 20.89 9.10
N ASN A 101 -8.00 21.12 9.80
CA ASN A 101 -8.09 22.12 10.84
C ASN A 101 -8.03 21.46 12.24
N ASP A 102 -7.50 20.24 12.30
CA ASP A 102 -7.60 19.44 13.53
C ASP A 102 -6.37 19.63 14.41
N LEU A 103 -6.47 19.10 15.61
CA LEU A 103 -5.30 18.94 16.48
C LEU A 103 -4.47 17.77 15.93
N SER A 104 -3.21 17.66 16.35
CA SER A 104 -2.32 16.69 15.78
C SER A 104 -1.33 16.14 16.80
N ALA A 105 -0.68 15.05 16.41
CA ALA A 105 0.41 14.51 17.18
C ALA A 105 1.38 13.84 16.23
N LEU A 106 2.67 14.06 16.43
CA LEU A 106 3.70 13.45 15.60
C LEU A 106 4.58 12.50 16.42
N VAL A 107 4.76 11.30 15.91
CA VAL A 107 5.60 10.36 16.62
C VAL A 107 6.67 9.85 15.66
N LEU A 108 7.86 9.62 16.19
CA LEU A 108 8.90 8.99 15.38
C LEU A 108 8.69 7.49 15.27
N GLY A 109 8.84 6.97 14.07
CA GLY A 109 8.48 5.56 13.82
C GLY A 109 9.55 4.58 14.26
N ASP A 110 10.64 5.11 14.82
CA ASP A 110 11.72 4.31 15.39
C ASP A 110 11.91 4.58 16.86
N ASN A 111 10.86 5.06 17.54
CA ASN A 111 10.96 5.41 18.96
C ASN A 111 10.11 4.51 19.82
N LEU A 112 10.75 3.98 20.88
CA LEU A 112 10.09 3.09 21.83
C LEU A 112 10.04 3.74 23.19
N TYR A 113 8.82 3.80 23.74
CA TYR A 113 8.54 4.18 25.10
C TYR A 113 8.04 2.99 25.92
N TYR A 114 8.29 3.05 27.21
CA TYR A 114 7.77 2.04 28.17
C TYR A 114 7.63 2.68 29.53
N GLY A 115 6.49 2.43 30.22
CA GLY A 115 6.42 2.63 31.67
C GLY A 115 5.06 2.87 32.30
N HIS A 116 5.10 3.08 33.60
CA HIS A 116 3.91 3.11 34.40
C HIS A 116 3.21 4.40 34.26
N ASP A 117 1.89 4.30 34.05
CA ASP A 117 1.03 5.44 33.79
C ASP A 117 1.44 6.18 32.51
N PHE A 118 1.92 5.46 31.51
CA PHE A 118 2.23 6.12 30.24
C PHE A 118 0.99 6.72 29.62
N HIS A 119 -0.10 5.98 29.66
CA HIS A 119 -1.42 6.43 29.25
C HIS A 119 -1.81 7.79 29.78
N GLU A 120 -1.71 7.96 31.11
CA GLU A 120 -2.06 9.23 31.77
C GLU A 120 -1.12 10.34 31.34
N LEU A 121 0.17 10.04 31.26
CA LEU A 121 1.13 11.02 30.76
C LEU A 121 0.77 11.48 29.33
N LEU A 122 0.41 10.54 28.48
CA LEU A 122 -0.06 10.90 27.13
C LEU A 122 -1.37 11.67 27.19
N GLY A 123 -2.25 11.18 28.07
CA GLY A 123 -3.59 11.75 28.23
C GLY A 123 -3.54 13.23 28.54
N SER A 124 -2.69 13.61 29.48
CA SER A 124 -2.67 14.97 29.94
C SER A 124 -2.03 15.89 28.88
N ALA A 125 -1.18 15.33 28.02
CA ALA A 125 -0.62 16.07 26.91
C ALA A 125 -1.66 16.33 25.83
N SER A 126 -2.45 15.32 25.53
CA SER A 126 -3.36 15.39 24.37
C SER A 126 -4.55 16.28 24.65
N GLN A 127 -4.71 16.70 25.89
CA GLN A 127 -5.87 17.48 26.29
C GLN A 127 -5.55 18.96 26.41
N ARG A 128 -4.27 19.31 26.50
CA ARG A 128 -3.84 20.69 26.25
C ARG A 128 -4.21 20.94 24.81
N GLN A 129 -5.33 21.61 24.61
CA GLN A 129 -5.89 21.74 23.28
C GLN A 129 -5.23 22.89 22.52
N THR A 130 -4.55 23.80 23.21
CA THR A 130 -3.75 24.81 22.51
C THR A 130 -2.30 24.80 22.94
N GLY A 131 -1.49 25.41 22.08
CA GLY A 131 -0.06 25.35 22.20
C GLY A 131 0.47 24.00 21.76
N ALA A 132 1.72 23.74 22.13
CA ALA A 132 2.38 22.50 21.83
C ALA A 132 2.85 21.86 23.12
N SER A 133 2.97 20.54 23.11
CA SER A 133 3.48 19.78 24.25
C SER A 133 4.54 18.79 23.77
N VAL A 134 5.68 18.80 24.45
CA VAL A 134 6.77 17.83 24.21
C VAL A 134 7.19 17.16 25.54
N PHE A 135 8.10 16.19 25.45
CA PHE A 135 8.63 15.57 26.66
C PHE A 135 10.14 15.61 26.68
N ALA A 136 10.67 15.85 27.89
CA ALA A 136 12.09 15.95 28.17
C ALA A 136 12.49 14.78 29.01
N TYR A 137 13.61 14.16 28.65
CA TYR A 137 14.11 12.94 29.26
C TYR A 137 15.61 13.05 29.41
N HIS A 138 16.10 12.67 30.59
CA HIS A 138 17.53 12.75 30.89
C HIS A 138 18.26 11.66 30.16
N VAL A 139 19.27 12.02 29.35
CA VAL A 139 20.02 11.03 28.60
C VAL A 139 21.50 11.23 28.80
N LEU A 140 22.26 10.14 28.63
CA LEU A 140 23.73 10.21 28.63
C LEU A 140 24.26 11.22 27.62
N ASP A 141 23.74 11.22 26.39
CA ASP A 141 24.36 11.96 25.25
C ASP A 141 23.43 13.02 24.70
N PRO A 142 23.19 14.07 25.50
CA PRO A 142 22.25 15.06 25.06
C PRO A 142 22.60 15.80 23.74
N GLU A 143 23.88 15.72 23.34
CA GLU A 143 24.41 16.39 22.14
C GLU A 143 23.73 15.92 20.88
N ARG A 144 23.13 14.73 20.93
CA ARG A 144 22.60 14.09 19.73
C ARG A 144 21.19 14.54 19.50
N TYR A 145 20.60 15.23 20.47
CA TYR A 145 19.18 15.62 20.39
C TYR A 145 18.93 17.12 20.47
N GLY A 146 17.63 17.46 20.46
CA GLY A 146 17.16 18.78 20.87
C GLY A 146 17.19 18.83 22.38
N VAL A 147 17.88 19.84 22.92
CA VAL A 147 18.12 19.97 24.36
C VAL A 147 17.28 21.09 24.96
N VAL A 148 16.66 20.83 26.10
CA VAL A 148 15.86 21.81 26.82
C VAL A 148 16.70 22.36 27.95
N GLU A 149 16.75 23.68 28.08
CA GLU A 149 17.39 24.35 29.21
C GLU A 149 16.27 24.80 30.12
N PHE A 150 16.40 24.61 31.42
CA PHE A 150 15.38 25.02 32.41
C PHE A 150 15.97 26.03 33.38
N ASP A 151 15.16 27.00 33.84
CA ASP A 151 15.63 27.94 34.86
C ASP A 151 15.47 27.33 36.26
N GLN A 152 15.85 28.08 37.29
CA GLN A 152 15.81 27.57 38.65
C GLN A 152 14.41 27.13 39.07
N GLY A 153 13.39 27.71 38.46
CA GLY A 153 12.03 27.31 38.74
C GLY A 153 11.64 26.01 38.07
N GLY A 154 12.42 25.59 37.08
CA GLY A 154 12.07 24.43 36.26
C GLY A 154 11.29 24.79 35.02
N LYS A 155 11.36 26.06 34.63
CA LYS A 155 10.70 26.54 33.41
C LYS A 155 11.64 26.34 32.22
N ALA A 156 11.09 25.86 31.11
CA ALA A 156 11.85 25.74 29.87
C ALA A 156 12.19 27.15 29.46
N ILE A 157 13.47 27.44 29.18
CA ILE A 157 13.89 28.78 28.77
C ILE A 157 14.61 28.85 27.44
N SER A 158 15.26 27.75 27.04
CA SER A 158 15.89 27.67 25.71
C SER A 158 15.87 26.24 25.17
N LEU A 159 15.79 26.14 23.85
CA LEU A 159 15.91 24.89 23.13
C LEU A 159 17.03 25.03 22.10
N GLU A 160 17.81 23.96 21.96
CA GLU A 160 18.98 23.95 21.09
C GLU A 160 19.14 22.59 20.42
N GLU A 161 19.35 22.59 19.09
CA GLU A 161 19.43 21.35 18.31
C GLU A 161 20.87 20.87 18.20
N LYS A 162 21.13 19.67 18.68
CA LYS A 162 22.47 19.08 18.67
C LYS A 162 23.60 20.02 19.11
N PRO A 163 23.44 20.66 20.27
CA PRO A 163 24.55 21.53 20.72
C PRO A 163 25.80 20.76 21.08
N LEU A 164 26.95 21.24 20.63
CA LEU A 164 28.26 20.76 21.11
C LEU A 164 28.46 20.93 22.64
N GLU A 165 27.93 21.99 23.23
CA GLU A 165 28.05 22.17 24.70
C GLU A 165 26.68 22.28 25.34
N PRO A 166 26.07 21.12 25.69
CA PRO A 166 24.64 21.07 26.12
C PRO A 166 24.39 21.71 27.46
N LYS A 167 23.35 22.55 27.52
CA LYS A 167 22.99 23.24 28.75
C LYS A 167 22.39 22.29 29.80
N SER A 168 21.88 21.14 29.37
CA SER A 168 21.40 20.11 30.31
C SER A 168 21.54 18.76 29.66
N ASN A 169 21.22 17.69 30.41
CA ASN A 169 21.09 16.35 29.85
C ASN A 169 19.63 16.01 29.49
N TYR A 170 18.75 17.01 29.39
CA TYR A 170 17.37 16.78 28.99
C TYR A 170 17.14 16.90 27.47
N ALA A 171 16.88 15.74 26.90
CA ALA A 171 16.61 15.57 25.46
C ALA A 171 15.13 15.61 25.18
N VAL A 172 14.74 16.27 24.09
CA VAL A 172 13.35 16.29 23.69
C VAL A 172 13.03 15.00 22.96
N THR A 173 12.02 14.27 23.48
CA THR A 173 11.66 12.94 22.99
C THR A 173 10.90 13.04 21.66
N GLY A 174 10.85 11.91 20.94
CA GLY A 174 10.40 11.88 19.56
C GLY A 174 8.89 11.74 19.48
N LEU A 175 8.22 12.61 20.21
CA LEU A 175 6.80 12.58 20.37
C LEU A 175 6.37 13.97 20.68
N TYR A 176 5.44 14.45 19.88
CA TYR A 176 5.05 15.83 19.88
C TYR A 176 3.54 15.98 19.64
N PHE A 177 2.89 16.81 20.46
CA PHE A 177 1.52 17.24 20.23
C PHE A 177 1.48 18.72 19.78
N TYR A 178 0.57 19.00 18.84
CA TYR A 178 0.42 20.34 18.29
C TYR A 178 -1.04 20.75 18.19
N ASP A 179 -1.29 22.05 18.26
CA ASP A 179 -2.58 22.61 18.07
C ASP A 179 -2.61 23.02 16.57
N GLN A 180 -3.58 23.81 16.15
CA GLN A 180 -3.77 24.08 14.72
C GLN A 180 -2.78 25.04 14.07
N GLN A 181 -1.88 25.62 14.86
CA GLN A 181 -0.87 26.58 14.34
C GLN A 181 0.34 25.93 13.65
N VAL A 182 0.56 24.65 13.88
CA VAL A 182 1.77 23.96 13.42
C VAL A 182 1.97 23.87 11.88
N VAL A 183 0.91 23.66 11.10
CA VAL A 183 1.10 23.65 9.66
C VAL A 183 1.61 25.03 9.16
N ASP A 184 1.13 26.15 9.71
CA ASP A 184 1.63 27.47 9.27
C ASP A 184 3.02 27.80 9.80
N ILE A 185 3.34 27.36 11.01
CA ILE A 185 4.71 27.45 11.48
C ILE A 185 5.65 26.69 10.53
N ALA A 186 5.36 25.40 10.35
CA ALA A 186 6.18 24.54 9.48
C ALA A 186 6.35 25.10 8.06
N ARG A 187 5.34 25.81 7.55
CA ARG A 187 5.42 26.40 6.21
C ARG A 187 6.41 27.60 6.17
N ASP A 188 6.44 28.41 7.23
CA ASP A 188 7.38 29.55 7.35
C ASP A 188 8.84 29.16 7.70
N LEU A 189 9.12 27.86 7.79
CA LEU A 189 10.46 27.38 8.09
C LEU A 189 11.34 27.35 6.84
N LYS A 190 12.60 27.71 7.04
CA LYS A 190 13.63 27.57 6.01
C LYS A 190 14.60 26.47 6.48
N PRO A 191 15.11 25.66 5.53
CA PRO A 191 16.02 24.58 5.94
C PRO A 191 17.21 25.09 6.76
N SER A 192 17.66 24.28 7.73
CA SER A 192 18.83 24.62 8.55
C SER A 192 20.09 24.61 7.66
N PRO A 193 21.24 25.12 8.16
CA PRO A 193 22.43 25.25 7.33
C PRO A 193 22.66 24.08 6.37
N ARG A 194 22.73 22.86 6.89
CA ARG A 194 22.89 21.67 6.04
C ARG A 194 21.75 21.50 5.02
N GLY A 195 20.50 21.55 5.49
CA GLY A 195 19.33 21.35 4.61
C GLY A 195 18.26 20.44 5.21
N GLU A 196 17.70 20.87 6.34
CA GLU A 196 16.60 20.14 7.00
C GLU A 196 15.64 21.13 7.65
N LEU A 197 14.34 20.89 7.49
CA LEU A 197 13.30 21.63 8.21
C LEU A 197 13.22 20.98 9.58
N GLU A 198 13.68 21.71 10.58
CA GLU A 198 13.93 21.17 11.92
C GLU A 198 12.70 21.16 12.82
N ILE A 199 12.47 20.05 13.53
CA ILE A 199 11.40 20.02 14.52
C ILE A 199 11.68 20.98 15.70
N THR A 200 12.96 21.11 16.07
CA THR A 200 13.34 22.04 17.12
C THR A 200 12.97 23.49 16.79
N ASP A 201 13.14 23.93 15.55
CA ASP A 201 12.68 25.27 15.16
C ASP A 201 11.18 25.45 15.37
N VAL A 202 10.42 24.41 15.05
CA VAL A 202 8.97 24.41 15.28
C VAL A 202 8.66 24.60 16.76
N ASN A 203 9.26 23.77 17.62
CA ASN A 203 9.02 23.86 19.07
C ASN A 203 9.45 25.23 19.66
N ARG A 204 10.51 25.80 19.10
CA ARG A 204 11.02 27.11 19.53
C ARG A 204 10.01 28.24 19.30
N ALA A 205 9.39 28.21 18.11
CA ALA A 205 8.31 29.11 17.73
C ALA A 205 7.17 29.10 18.75
N TYR A 206 6.77 27.90 19.21
CA TYR A 206 5.79 27.79 20.30
C TYR A 206 6.35 28.33 21.63
N LEU A 207 7.60 27.97 21.92
CA LEU A 207 8.25 28.47 23.14
C LEU A 207 8.25 30.00 23.22
N GLU A 208 8.71 30.63 22.14
CA GLU A 208 8.74 32.09 22.03
C GLU A 208 7.35 32.71 22.26
N ARG A 209 6.30 32.06 21.72
CA ARG A 209 4.92 32.50 21.86
C ARG A 209 4.40 32.32 23.28
N GLY A 210 5.10 31.53 24.10
CA GLY A 210 4.60 31.15 25.42
C GLY A 210 3.58 30.02 25.38
N GLN A 211 3.70 29.13 24.41
CA GLN A 211 2.73 28.04 24.26
C GLN A 211 3.42 26.68 24.06
N LEU A 212 4.64 26.56 24.56
CA LEU A 212 5.30 25.27 24.58
C LEU A 212 5.23 24.72 26.00
N SER A 213 4.41 23.69 26.17
CA SER A 213 4.41 22.87 27.38
C SER A 213 5.46 21.74 27.31
N VAL A 214 6.43 21.81 28.20
CA VAL A 214 7.43 20.77 28.31
C VAL A 214 7.17 20.03 29.61
N GLU A 215 6.84 18.74 29.52
CA GLU A 215 6.70 17.87 30.69
C GLU A 215 7.88 16.91 30.78
N ILE A 216 8.41 16.74 31.98
CA ILE A 216 9.44 15.78 32.22
C ILE A 216 8.85 14.41 32.02
N MET A 217 9.60 13.57 31.34
CA MET A 217 9.29 12.17 31.24
C MET A 217 10.32 11.57 32.15
N GLY A 218 9.88 11.07 33.30
CA GLY A 218 10.82 10.74 34.34
C GLY A 218 11.73 9.58 34.03
N ARG A 219 12.67 9.33 34.96
CA ARG A 219 13.66 8.29 34.82
C ARG A 219 13.04 6.90 35.07
N GLY A 220 11.85 6.88 35.66
CA GLY A 220 11.06 5.66 35.77
C GLY A 220 10.48 5.20 34.45
N TYR A 221 10.59 6.03 33.42
CA TYR A 221 10.22 5.56 32.10
C TYR A 221 11.44 5.18 31.28
N ALA A 222 11.34 4.14 30.47
CA ALA A 222 12.35 3.88 29.41
C ALA A 222 11.98 4.47 28.04
N TRP A 223 12.85 5.32 27.51
CA TRP A 223 12.76 5.82 26.14
C TRP A 223 13.96 5.22 25.47
N LEU A 224 13.76 4.21 24.61
CA LEU A 224 14.89 3.43 24.07
C LEU A 224 15.47 3.96 22.74
N ASP A 225 16.77 3.74 22.64
CA ASP A 225 17.56 4.19 21.48
C ASP A 225 17.50 3.11 20.40
N THR A 226 17.15 3.51 19.19
CA THR A 226 17.26 2.67 17.98
C THR A 226 18.22 3.32 16.96
N GLY A 227 19.03 4.27 17.40
CA GLY A 227 19.98 4.95 16.52
C GLY A 227 21.27 4.22 16.14
N THR A 228 21.56 3.07 16.76
CA THR A 228 22.71 2.29 16.34
C THR A 228 22.41 0.82 16.33
N HIS A 229 23.26 0.06 15.64
CA HIS A 229 23.14 -1.41 15.63
C HIS A 229 23.14 -1.95 17.04
N ASP A 230 24.04 -1.41 17.86
CA ASP A 230 24.09 -1.77 19.26
C ASP A 230 22.83 -1.40 20.05
N SER A 231 22.30 -0.19 19.88
CA SER A 231 21.13 0.17 20.65
C SER A 231 19.86 -0.56 20.20
N LEU A 232 19.69 -0.78 18.90
CA LEU A 232 18.58 -1.64 18.41
C LEU A 232 18.58 -2.99 19.10
N LEU A 233 19.77 -3.59 19.17
CA LEU A 233 19.98 -4.83 19.88
C LEU A 233 19.58 -4.76 21.34
N GLU A 234 19.99 -3.69 22.04
CA GLU A 234 19.57 -3.47 23.43
C GLU A 234 18.08 -3.20 23.54
N ALA A 235 17.51 -2.54 22.54
CA ALA A 235 16.06 -2.40 22.49
C ALA A 235 15.33 -3.78 22.48
N GLY A 236 15.74 -4.66 21.59
CA GLY A 236 15.18 -6.00 21.56
C GLY A 236 15.28 -6.72 22.88
N GLN A 237 16.48 -6.73 23.44
CA GLN A 237 16.77 -7.46 24.68
C GLN A 237 15.82 -6.97 25.78
N PHE A 238 15.62 -5.66 25.82
CA PHE A 238 14.85 -5.00 26.85
C PHE A 238 13.39 -5.45 26.86
N ILE A 239 12.76 -5.35 25.69
CA ILE A 239 11.38 -5.75 25.51
C ILE A 239 11.22 -7.26 25.83
N ALA A 240 12.16 -8.09 25.38
CA ALA A 240 12.06 -9.51 25.53
C ALA A 240 12.10 -9.86 27.00
N THR A 241 12.99 -9.20 27.72
CA THR A 241 13.06 -9.37 29.15
C THR A 241 11.76 -8.99 29.85
N LEU A 242 11.18 -7.84 29.51
CA LEU A 242 9.89 -7.50 30.11
C LEU A 242 8.80 -8.52 29.76
N GLU A 243 8.75 -8.97 28.50
CA GLU A 243 7.61 -9.78 28.08
C GLU A 243 7.69 -11.21 28.64
N ASN A 244 8.89 -11.74 28.59
CA ASN A 244 9.17 -13.03 29.09
C ASN A 244 9.00 -13.08 30.60
N ARG A 245 9.22 -11.95 31.26
CA ARG A 245 9.02 -11.90 32.69
C ARG A 245 7.53 -11.93 33.00
N GLN A 246 6.73 -11.20 32.24
CA GLN A 246 5.33 -10.89 32.58
C GLN A 246 4.31 -11.82 31.95
N GLY A 247 4.65 -12.39 30.79
CA GLY A 247 3.64 -13.01 29.92
C GLY A 247 2.64 -11.98 29.48
N LEU A 248 3.10 -10.73 29.35
CA LEU A 248 2.36 -9.64 28.73
C LEU A 248 3.30 -8.90 27.80
N LYS A 249 2.73 -8.41 26.70
CA LYS A 249 3.47 -7.78 25.67
C LYS A 249 3.46 -6.28 25.83
N VAL A 250 4.50 -5.66 25.30
CA VAL A 250 4.54 -4.23 25.11
C VAL A 250 4.23 -3.84 23.67
N ALA A 251 3.30 -2.92 23.48
CA ALA A 251 2.97 -2.36 22.17
C ALA A 251 2.32 -3.35 21.21
N CYS A 252 1.41 -4.18 21.75
CA CYS A 252 0.58 -5.08 20.95
C CYS A 252 -0.59 -4.25 20.55
N PRO A 253 -0.68 -3.86 19.27
CA PRO A 253 -1.82 -3.07 18.84
C PRO A 253 -3.19 -3.71 19.12
N GLU A 254 -3.34 -4.97 18.79
CA GLU A 254 -4.63 -5.64 18.98
C GLU A 254 -5.15 -5.41 20.41
N GLU A 255 -4.25 -5.69 21.35
CA GLU A 255 -4.52 -5.53 22.75
C GLU A 255 -4.91 -4.13 23.08
N ILE A 256 -4.14 -3.16 22.58
CA ILE A 256 -4.43 -1.77 22.91
C ILE A 256 -5.82 -1.36 22.33
N ALA A 257 -6.13 -1.64 21.07
CA ALA A 257 -7.52 -1.40 20.59
C ALA A 257 -8.57 -2.13 21.45
N TYR A 258 -8.34 -3.41 21.75
CA TYR A 258 -9.26 -4.18 22.61
C TYR A 258 -9.53 -3.44 23.92
N ARG A 259 -8.46 -2.97 24.55
CA ARG A 259 -8.55 -2.30 25.86
C ARG A 259 -9.11 -0.87 25.74
N GLN A 260 -8.92 -0.20 24.60
CA GLN A 260 -9.53 1.13 24.32
C GLN A 260 -11.01 1.02 23.96
N LYS A 261 -11.44 -0.18 23.64
CA LYS A 261 -12.82 -0.54 23.33
C LYS A 261 -13.17 -0.13 21.89
N TRP A 262 -12.16 -0.34 21.04
CA TRP A 262 -12.22 -0.04 19.62
C TRP A 262 -12.48 -1.29 18.84
N ILE A 263 -12.20 -2.43 19.46
CA ILE A 263 -12.56 -3.73 18.92
C ILE A 263 -13.10 -4.63 20.05
N ASP A 264 -14.08 -5.46 19.74
CA ASP A 264 -14.76 -6.27 20.76
C ASP A 264 -14.15 -7.65 20.83
N ALA A 265 -14.66 -8.48 21.72
CA ALA A 265 -14.13 -9.86 21.89
C ALA A 265 -14.17 -10.61 20.58
N ALA A 266 -15.32 -10.56 19.93
CA ALA A 266 -15.53 -11.19 18.62
C ALA A 266 -14.41 -10.93 17.64
N GLN A 267 -14.12 -9.64 17.41
CA GLN A 267 -13.07 -9.25 16.44
C GLN A 267 -11.71 -9.71 16.92
N LEU A 268 -11.46 -9.58 18.22
CA LEU A 268 -10.17 -10.04 18.74
C LEU A 268 -10.00 -11.55 18.45
N GLU A 269 -11.05 -12.34 18.68
CA GLU A 269 -11.02 -13.80 18.37
C GLU A 269 -10.68 -14.04 16.89
N LYS A 270 -11.29 -13.27 16.00
CA LYS A 270 -10.96 -13.35 14.57
C LYS A 270 -9.52 -12.96 14.25
N LEU A 271 -9.01 -11.91 14.90
CA LEU A 271 -7.60 -11.53 14.73
C LEU A 271 -6.62 -12.62 15.20
N ALA A 272 -7.03 -13.42 16.17
CA ALA A 272 -6.20 -14.52 16.69
C ALA A 272 -6.18 -15.82 15.87
N ALA A 273 -7.07 -15.95 14.88
CA ALA A 273 -7.15 -17.19 14.10
C ALA A 273 -5.93 -17.46 13.19
N PRO A 274 -5.50 -16.45 12.40
CA PRO A 274 -4.39 -16.66 11.47
C PRO A 274 -3.05 -16.92 12.15
N LEU A 275 -2.85 -16.40 13.36
CA LEU A 275 -1.63 -16.69 14.10
C LEU A 275 -1.79 -17.67 15.27
N ALA A 276 -2.86 -18.48 15.25
CA ALA A 276 -3.15 -19.39 16.39
C ALA A 276 -2.03 -20.36 16.68
N LYS A 277 -1.21 -20.67 15.69
CA LYS A 277 -0.14 -21.67 15.84
C LYS A 277 1.12 -21.14 16.51
N ASN A 278 1.29 -19.82 16.54
CA ASN A 278 2.46 -19.22 17.19
C ASN A 278 2.08 -18.44 18.45
N GLY A 279 3.08 -18.07 19.25
CA GLY A 279 2.85 -17.32 20.49
C GLY A 279 2.14 -15.98 20.42
N TYR A 280 2.24 -15.29 19.29
CA TYR A 280 1.59 -14.00 19.18
C TYR A 280 0.06 -14.14 19.08
N GLY A 281 -0.43 -14.96 18.14
CA GLY A 281 -1.87 -15.33 18.16
C GLY A 281 -2.33 -16.09 19.43
N GLN A 282 -1.48 -16.92 20.04
CA GLN A 282 -1.89 -17.57 21.29
C GLN A 282 -2.09 -16.53 22.39
N TYR A 283 -1.29 -15.46 22.32
CA TYR A 283 -1.42 -14.34 23.24
C TYR A 283 -2.73 -13.60 23.04
N LEU A 284 -3.05 -13.29 21.79
CA LEU A 284 -4.30 -12.59 21.51
C LEU A 284 -5.50 -13.39 22.06
N LYS A 285 -5.48 -14.70 21.85
CA LYS A 285 -6.48 -15.62 22.38
C LYS A 285 -6.56 -15.60 23.88
N ARG A 286 -5.41 -15.47 24.57
CA ARG A 286 -5.42 -15.46 26.06
C ARG A 286 -5.98 -14.15 26.61
N LEU A 287 -5.83 -13.04 25.88
CA LEU A 287 -6.46 -11.77 26.24
C LEU A 287 -7.99 -11.80 26.31
N LEU A 288 -8.59 -12.84 25.74
CA LEU A 288 -10.05 -12.94 25.73
C LEU A 288 -10.66 -13.37 27.06
N THR A 289 -9.91 -14.10 27.87
CA THR A 289 -10.45 -14.66 29.11
C THR A 289 -9.47 -14.52 30.30
N GLU A 290 -8.65 -13.48 30.25
CA GLU A 290 -7.88 -13.11 31.42
C GLU A 290 -8.20 -11.68 31.83
N THR A 291 -8.28 -11.43 33.14
CA THR A 291 -8.33 -10.08 33.64
C THR A 291 -6.89 -9.65 33.89
N VAL A 292 -6.51 -8.56 33.24
CA VAL A 292 -5.20 -7.99 33.35
C VAL A 292 -5.42 -6.60 33.86
N TYR A 293 -4.97 -6.31 35.08
CA TYR A 293 -5.23 -5.00 35.70
C TYR A 293 -4.37 -3.83 35.13
N ARG B 3 32.69 -26.43 -8.31
CA ARG B 3 31.49 -26.65 -7.45
C ARG B 3 30.58 -25.43 -7.34
N LYS B 4 29.30 -25.60 -7.68
CA LYS B 4 28.29 -24.52 -7.60
C LYS B 4 27.65 -24.49 -6.22
N GLY B 5 27.22 -23.30 -5.82
CA GLY B 5 26.53 -23.12 -4.53
C GLY B 5 25.10 -22.69 -4.67
N ILE B 6 24.28 -23.00 -3.67
CA ILE B 6 22.92 -22.55 -3.64
C ILE B 6 22.62 -22.04 -2.27
N ILE B 7 21.88 -20.93 -2.20
CA ILE B 7 21.35 -20.45 -0.91
C ILE B 7 19.85 -20.51 -0.95
N LEU B 8 19.27 -21.43 -0.17
CA LEU B 8 17.85 -21.51 0.09
C LEU B 8 17.42 -20.48 1.16
N ALA B 9 16.86 -19.37 0.72
CA ALA B 9 16.38 -18.33 1.62
C ALA B 9 14.90 -18.20 1.38
N GLY B 10 14.20 -19.28 1.71
CA GLY B 10 12.79 -19.43 1.44
C GLY B 10 11.87 -19.04 2.59
N GLY B 11 10.61 -19.46 2.47
CA GLY B 11 9.55 -18.98 3.36
C GLY B 11 9.50 -19.63 4.73
N SER B 12 9.46 -18.80 5.76
CA SER B 12 9.44 -19.29 7.13
C SER B 12 8.04 -19.39 7.68
N GLY B 13 7.06 -19.55 6.79
CA GLY B 13 5.66 -19.67 7.18
C GLY B 13 5.13 -18.45 7.90
N THR B 14 4.22 -18.67 8.85
CA THR B 14 3.76 -17.63 9.77
C THR B 14 4.46 -17.73 11.14
N ARG B 15 5.48 -18.57 11.24
CA ARG B 15 6.09 -18.91 12.54
C ARG B 15 6.56 -17.66 13.34
N LEU B 16 7.16 -16.69 12.66
CA LEU B 16 7.70 -15.50 13.33
C LEU B 16 6.86 -14.24 13.01
N HIS B 17 5.70 -14.44 12.38
CA HIS B 17 4.79 -13.34 12.16
C HIS B 17 4.33 -12.86 13.51
N PRO B 18 4.14 -11.54 13.67
CA PRO B 18 4.23 -10.44 12.70
C PRO B 18 5.61 -9.82 12.41
N ALA B 19 6.68 -10.30 13.06
CA ALA B 19 8.03 -9.75 12.83
C ALA B 19 8.43 -9.87 11.38
N THR B 20 8.04 -11.00 10.81
CA THR B 20 8.43 -11.37 9.47
C THR B 20 7.27 -11.25 8.49
N LEU B 21 6.21 -10.54 8.85
CA LEU B 21 5.08 -10.37 7.93
C LEU B 21 5.46 -9.53 6.71
N ALA B 22 6.26 -8.47 6.90
CA ALA B 22 6.52 -7.47 5.83
C ALA B 22 7.69 -7.83 4.96
N ILE B 23 8.40 -8.89 5.30
CA ILE B 23 9.69 -9.13 4.69
C ILE B 23 10.31 -10.35 5.28
N SER B 24 11.11 -11.00 4.44
CA SER B 24 11.68 -12.30 4.66
C SER B 24 12.79 -12.18 5.64
N LYS B 25 12.81 -13.17 6.54
CA LYS B 25 13.83 -13.33 7.57
C LYS B 25 15.22 -12.97 7.09
N GLN B 26 15.62 -13.62 6.00
CA GLN B 26 16.99 -13.61 5.52
C GLN B 26 17.41 -12.22 5.01
N LEU B 27 16.44 -11.31 4.95
CA LEU B 27 16.69 -9.91 4.57
C LEU B 27 16.87 -9.02 5.80
N LEU B 28 16.41 -9.50 6.96
CA LEU B 28 16.54 -8.76 8.19
C LEU B 28 18.01 -8.74 8.58
N PRO B 29 18.35 -7.93 9.59
CA PRO B 29 19.72 -8.01 10.09
C PRO B 29 19.98 -8.98 11.22
N VAL B 30 21.23 -9.44 11.30
CA VAL B 30 21.78 -10.00 12.53
C VAL B 30 22.94 -9.06 12.92
N TYR B 31 22.69 -8.22 13.90
CA TYR B 31 23.56 -7.08 14.27
C TYR B 31 23.80 -6.01 13.16
N ASP B 32 24.83 -6.14 12.34
CA ASP B 32 25.21 -5.05 11.44
C ASP B 32 25.01 -5.38 9.98
N LYS B 33 24.60 -6.61 9.70
CA LYS B 33 24.41 -6.97 8.31
C LYS B 33 23.23 -7.88 8.12
N PRO B 34 22.69 -7.88 6.89
CA PRO B 34 21.57 -8.72 6.52
C PRO B 34 21.90 -10.20 6.65
N MET B 35 20.94 -10.97 7.15
CA MET B 35 21.16 -12.36 7.56
C MET B 35 21.83 -13.18 6.48
N ILE B 36 21.44 -12.93 5.23
CA ILE B 36 21.95 -13.74 4.13
C ILE B 36 23.45 -13.49 3.87
N TYR B 37 24.00 -12.45 4.47
CA TYR B 37 25.43 -12.18 4.28
C TYR B 37 26.23 -13.34 4.82
N TYR B 38 25.72 -13.91 5.88
CA TYR B 38 26.42 -14.96 6.65
C TYR B 38 26.57 -16.29 5.90
N PRO B 39 25.45 -16.91 5.49
CA PRO B 39 25.55 -18.04 4.56
C PRO B 39 26.28 -17.72 3.23
N LEU B 40 26.08 -16.53 2.69
CA LEU B 40 26.81 -16.12 1.48
C LEU B 40 28.29 -16.16 1.81
N SER B 41 28.67 -15.53 2.91
CA SER B 41 30.07 -15.50 3.29
C SER B 41 30.61 -16.91 3.46
N THR B 42 29.77 -17.81 3.99
CA THR B 42 30.14 -19.19 4.18
C THR B 42 30.52 -19.86 2.85
N LEU B 43 29.68 -19.72 1.84
CA LEU B 43 29.95 -20.32 0.55
C LEU B 43 31.23 -19.74 -0.04
N MET B 44 31.38 -18.43 0.10
CA MET B 44 32.57 -17.76 -0.41
C MET B 44 33.85 -18.28 0.28
N LEU B 45 33.75 -18.61 1.58
CA LEU B 45 34.92 -19.07 2.35
C LEU B 45 35.30 -20.39 1.80
N ALA B 46 34.28 -21.24 1.57
CA ALA B 46 34.46 -22.57 0.97
C ALA B 46 34.97 -22.55 -0.46
N GLY B 47 35.17 -21.38 -1.07
CA GLY B 47 35.84 -21.27 -2.39
C GLY B 47 34.88 -21.12 -3.57
N ILE B 48 33.60 -20.95 -3.27
CA ILE B 48 32.55 -21.04 -4.26
C ILE B 48 32.21 -19.64 -4.74
N ARG B 49 32.31 -19.40 -6.05
CA ARG B 49 32.08 -18.08 -6.66
C ARG B 49 30.78 -18.02 -7.50
N GLU B 50 30.29 -19.18 -8.00
CA GLU B 50 29.00 -19.22 -8.74
C GLU B 50 27.88 -19.69 -7.81
N ILE B 51 26.88 -18.83 -7.59
CA ILE B 51 25.91 -19.06 -6.50
C ILE B 51 24.45 -18.69 -6.85
N LEU B 52 23.54 -19.65 -6.64
CA LEU B 52 22.12 -19.45 -6.90
C LEU B 52 21.40 -19.14 -5.61
N ILE B 53 20.76 -17.99 -5.57
CA ILE B 53 19.92 -17.63 -4.43
C ILE B 53 18.44 -17.90 -4.77
N ILE B 54 17.82 -18.77 -3.97
CA ILE B 54 16.40 -19.09 -4.07
C ILE B 54 15.61 -18.50 -2.89
N SER B 55 14.51 -17.84 -3.23
CA SER B 55 13.67 -17.15 -2.27
C SER B 55 12.24 -17.17 -2.75
N THR B 56 11.34 -16.55 -1.99
CA THR B 56 9.95 -16.48 -2.36
C THR B 56 9.81 -15.63 -3.60
N PRO B 57 8.72 -15.82 -4.32
CA PRO B 57 8.55 -14.94 -5.46
C PRO B 57 8.39 -13.48 -5.02
N GLN B 58 7.78 -13.25 -3.85
CA GLN B 58 7.56 -11.89 -3.41
C GLN B 58 8.91 -11.22 -3.11
N ASP B 59 9.81 -11.96 -2.46
CA ASP B 59 11.08 -11.36 -2.01
C ASP B 59 12.35 -11.45 -2.90
N THR B 60 12.31 -12.19 -4.02
CA THR B 60 13.51 -12.24 -4.90
C THR B 60 13.96 -10.87 -5.45
N PRO B 61 13.04 -10.04 -5.95
CA PRO B 61 13.52 -8.73 -6.39
C PRO B 61 14.37 -7.98 -5.35
N ARG B 62 14.14 -8.23 -4.07
CA ARG B 62 14.82 -7.50 -3.02
C ARG B 62 16.15 -8.15 -2.67
N PHE B 63 16.20 -9.48 -2.71
CA PHE B 63 17.48 -10.18 -2.75
C PHE B 63 18.25 -9.72 -4.00
N GLN B 64 17.53 -9.58 -5.12
CA GLN B 64 18.14 -9.13 -6.36
C GLN B 64 18.68 -7.71 -6.22
N GLN B 65 17.93 -6.85 -5.54
CA GLN B 65 18.37 -5.49 -5.31
C GLN B 65 19.63 -5.47 -4.42
N LEU B 66 19.61 -6.22 -3.32
CA LEU B 66 20.70 -6.18 -2.32
C LEU B 66 22.04 -6.68 -2.87
N LEU B 67 21.98 -7.76 -3.64
CA LEU B 67 23.15 -8.54 -3.97
C LEU B 67 23.63 -8.33 -5.42
N GLY B 68 22.71 -8.00 -6.31
CA GLY B 68 23.03 -7.80 -7.73
C GLY B 68 23.48 -9.10 -8.37
N ASP B 69 24.27 -8.97 -9.44
CA ASP B 69 24.82 -10.14 -10.14
C ASP B 69 26.14 -10.64 -9.51
N GLY B 70 26.57 -9.97 -8.43
CA GLY B 70 27.80 -10.34 -7.70
C GLY B 70 29.12 -9.82 -8.30
N SER B 71 29.11 -9.37 -9.54
CA SER B 71 30.36 -8.92 -10.21
C SER B 71 31.16 -7.98 -9.35
N ASN B 72 30.47 -7.13 -8.58
CA ASN B 72 31.15 -6.21 -7.68
C ASN B 72 32.04 -6.91 -6.65
N TRP B 73 31.69 -8.14 -6.26
CA TRP B 73 32.48 -8.88 -5.26
C TRP B 73 33.10 -10.09 -5.81
N GLY B 74 33.32 -10.13 -7.14
CA GLY B 74 33.94 -11.28 -7.82
C GLY B 74 33.10 -12.56 -7.85
N LEU B 75 31.81 -12.43 -7.56
CA LEU B 75 30.84 -13.52 -7.66
C LEU B 75 30.00 -13.35 -8.95
N ASP B 76 29.29 -14.41 -9.34
CA ASP B 76 28.34 -14.42 -10.45
C ASP B 76 27.13 -15.01 -9.82
N LEU B 77 26.20 -14.12 -9.50
CA LEU B 77 25.04 -14.46 -8.74
C LEU B 77 23.88 -14.69 -9.69
N GLN B 78 23.14 -15.78 -9.48
CA GLN B 78 21.92 -16.06 -10.25
C GLN B 78 20.78 -16.27 -9.27
N TYR B 79 19.56 -16.15 -9.77
CA TYR B 79 18.35 -16.07 -8.94
C TYR B 79 17.24 -16.95 -9.46
N ALA B 80 16.44 -17.46 -8.52
CA ALA B 80 15.28 -18.27 -8.85
C ALA B 80 14.30 -18.30 -7.68
N VAL B 81 13.10 -18.85 -7.89
CA VAL B 81 12.01 -18.77 -6.92
C VAL B 81 11.53 -20.13 -6.35
N GLN B 82 11.04 -20.11 -5.12
CA GLN B 82 10.36 -21.26 -4.55
C GLN B 82 8.96 -20.79 -4.16
N PRO B 83 7.95 -21.15 -4.99
CA PRO B 83 6.57 -20.66 -4.83
C PRO B 83 5.88 -21.09 -3.53
N SER B 84 6.19 -22.29 -3.02
CA SER B 84 5.62 -22.77 -1.74
C SER B 84 6.61 -23.61 -0.90
N PRO B 85 6.52 -23.57 0.45
CA PRO B 85 7.53 -24.26 1.27
C PRO B 85 7.39 -25.79 1.33
N ASP B 86 7.73 -26.43 0.21
CA ASP B 86 7.55 -27.86 0.05
C ASP B 86 8.83 -28.63 0.21
N GLY B 87 9.82 -28.05 0.90
CA GLY B 87 10.99 -28.80 1.41
C GLY B 87 12.34 -28.39 0.80
N LEU B 88 13.40 -28.56 1.59
CA LEU B 88 14.70 -28.07 1.21
C LEU B 88 15.28 -28.77 -0.03
N ALA B 89 14.85 -30.01 -0.28
CA ALA B 89 15.34 -30.75 -1.43
C ALA B 89 14.75 -30.23 -2.74
N GLN B 90 13.68 -29.47 -2.65
CA GLN B 90 13.18 -28.71 -3.81
C GLN B 90 14.25 -27.80 -4.41
N ALA B 91 15.33 -27.57 -3.67
CA ALA B 91 16.42 -26.71 -4.12
C ALA B 91 17.17 -27.24 -5.32
N PHE B 92 17.29 -28.57 -5.40
CA PHE B 92 17.97 -29.20 -6.53
C PHE B 92 17.09 -29.43 -7.76
N LEU B 93 15.78 -29.31 -7.63
CA LEU B 93 14.93 -29.30 -8.81
C LEU B 93 14.92 -27.89 -9.40
N ILE B 94 14.67 -26.90 -8.57
CA ILE B 94 14.67 -25.49 -9.02
C ILE B 94 16.04 -25.09 -9.56
N GLY B 95 17.09 -25.50 -8.85
CA GLY B 95 18.47 -25.21 -9.27
C GLY B 95 19.06 -26.17 -10.28
N GLU B 96 18.25 -27.07 -10.84
CA GLU B 96 18.75 -28.15 -11.69
C GLU B 96 19.58 -27.67 -12.86
N SER B 97 19.16 -26.64 -13.56
CA SER B 97 19.93 -26.18 -14.74
C SER B 97 21.05 -25.23 -14.32
N PHE B 98 20.90 -24.61 -13.16
CA PHE B 98 22.02 -23.92 -12.57
C PHE B 98 23.15 -24.92 -12.22
N ILE B 99 22.80 -26.06 -11.62
CA ILE B 99 23.81 -27.08 -11.29
C ILE B 99 24.50 -27.64 -12.53
N GLY B 100 23.70 -28.04 -13.53
CA GLY B 100 24.25 -28.66 -14.72
C GLY B 100 24.94 -29.99 -14.44
N ASN B 101 26.19 -30.10 -14.92
CA ASN B 101 27.01 -31.29 -14.66
C ASN B 101 28.02 -31.11 -13.49
N ASP B 102 28.00 -29.94 -12.87
CA ASP B 102 28.96 -29.63 -11.82
C ASP B 102 28.64 -30.17 -10.44
N LEU B 103 29.65 -30.08 -9.57
CA LEU B 103 29.49 -30.43 -8.17
C LEU B 103 28.71 -29.29 -7.53
N SER B 104 27.91 -29.57 -6.48
CA SER B 104 27.13 -28.52 -5.81
C SER B 104 27.36 -28.39 -4.26
N ALA B 105 26.92 -27.29 -3.68
CA ALA B 105 26.76 -27.19 -2.23
C ALA B 105 25.55 -26.30 -1.88
N LEU B 106 24.70 -26.76 -0.95
CA LEU B 106 23.55 -26.02 -0.43
C LEU B 106 23.82 -25.52 0.99
N VAL B 107 23.43 -24.27 1.28
CA VAL B 107 23.47 -23.75 2.62
C VAL B 107 22.14 -23.03 2.87
N LEU B 108 21.68 -23.06 4.10
CA LEU B 108 20.42 -22.42 4.40
C LEU B 108 20.60 -20.95 4.67
N GLY B 109 19.63 -20.16 4.24
CA GLY B 109 19.78 -18.70 4.27
C GLY B 109 19.67 -18.10 5.66
N ASP B 110 19.37 -18.90 6.65
CA ASP B 110 19.19 -18.36 7.97
C ASP B 110 20.17 -18.96 8.97
N ASN B 111 21.24 -19.57 8.48
CA ASN B 111 22.23 -20.30 9.29
C ASN B 111 23.53 -19.49 9.41
N LEU B 112 24.00 -19.31 10.65
CA LEU B 112 25.21 -18.55 10.97
C LEU B 112 26.22 -19.49 11.57
N TYR B 113 27.43 -19.46 11.00
CA TYR B 113 28.53 -20.22 11.52
C TYR B 113 29.66 -19.30 11.98
N TYR B 114 30.46 -19.77 12.94
CA TYR B 114 31.68 -19.09 13.33
C TYR B 114 32.71 -20.05 13.95
N GLY B 115 33.97 -19.90 13.54
CA GLY B 115 35.10 -20.44 14.30
C GLY B 115 36.41 -20.65 13.58
N HIS B 116 37.41 -21.03 14.38
CA HIS B 116 38.76 -21.19 13.91
C HIS B 116 38.93 -22.39 13.02
N ASP B 117 39.64 -22.17 11.93
CA ASP B 117 39.79 -23.12 10.86
C ASP B 117 38.45 -23.57 10.19
N PHE B 118 37.50 -22.66 10.06
CA PHE B 118 36.27 -22.91 9.28
C PHE B 118 36.57 -23.12 7.78
N HIS B 119 37.52 -22.35 7.29
CA HIS B 119 37.95 -22.35 5.89
C HIS B 119 38.46 -23.70 5.49
N GLU B 120 39.23 -24.31 6.39
CA GLU B 120 39.80 -25.64 6.17
C GLU B 120 38.77 -26.76 6.34
N LEU B 121 37.86 -26.64 7.31
CA LEU B 121 36.76 -27.59 7.44
C LEU B 121 35.90 -27.59 6.16
N LEU B 122 35.64 -26.41 5.59
CA LEU B 122 34.85 -26.29 4.34
C LEU B 122 35.66 -26.78 3.14
N GLY B 123 36.95 -26.50 3.18
CA GLY B 123 37.89 -26.89 2.14
C GLY B 123 38.04 -28.39 1.97
N SER B 124 38.13 -29.10 3.09
CA SER B 124 38.26 -30.55 3.04
C SER B 124 36.94 -31.20 2.54
N ALA B 125 35.79 -30.69 2.99
CA ALA B 125 34.48 -31.08 2.43
C ALA B 125 34.35 -30.86 0.92
N SER B 126 34.86 -29.73 0.42
CA SER B 126 34.73 -29.31 -0.99
C SER B 126 35.66 -30.12 -1.88
N GLN B 127 36.74 -30.62 -1.28
CA GLN B 127 37.79 -31.43 -1.90
C GLN B 127 37.28 -32.78 -2.41
N ARG B 128 36.41 -33.39 -1.61
CA ARG B 128 35.74 -34.65 -1.99
C ARG B 128 34.88 -34.45 -3.23
N GLN B 129 35.45 -34.78 -4.40
CA GLN B 129 34.71 -34.67 -5.65
C GLN B 129 33.71 -35.84 -5.81
N THR B 130 33.66 -36.73 -4.82
CA THR B 130 32.83 -37.94 -4.88
C THR B 130 32.00 -38.02 -3.59
N GLY B 131 30.78 -38.54 -3.66
CA GLY B 131 29.91 -38.66 -2.49
C GLY B 131 29.39 -37.33 -1.95
N ALA B 132 28.76 -37.38 -0.78
CA ALA B 132 28.20 -36.23 -0.09
C ALA B 132 28.93 -35.98 1.22
N SER B 133 29.11 -34.70 1.59
CA SER B 133 29.55 -34.33 2.95
C SER B 133 28.51 -33.49 3.75
N VAL B 134 28.28 -33.86 4.99
CA VAL B 134 27.50 -33.03 5.91
C VAL B 134 28.23 -32.93 7.26
N PHE B 135 27.67 -32.15 8.17
CA PHE B 135 28.28 -31.87 9.45
C PHE B 135 27.28 -32.12 10.55
N ALA B 136 27.73 -32.85 11.59
CA ALA B 136 26.97 -33.09 12.82
C ALA B 136 27.51 -32.24 13.97
N TYR B 137 26.60 -31.55 14.66
CA TYR B 137 26.93 -30.59 15.74
C TYR B 137 26.11 -30.99 16.97
N HIS B 138 26.69 -30.93 18.16
CA HIS B 138 25.94 -31.18 19.38
C HIS B 138 24.95 -30.09 19.73
N VAL B 139 23.68 -30.46 19.94
CA VAL B 139 22.63 -29.50 20.33
C VAL B 139 21.79 -30.01 21.53
N LEU B 140 21.19 -29.08 22.27
CA LEU B 140 20.32 -29.40 23.39
C LEU B 140 19.03 -30.02 22.90
N ASP B 141 18.55 -29.60 21.71
CA ASP B 141 17.24 -30.03 21.14
C ASP B 141 17.31 -30.69 19.72
N PRO B 142 17.70 -31.98 19.67
CA PRO B 142 17.95 -32.67 18.40
C PRO B 142 16.71 -33.03 17.59
N GLU B 143 15.57 -33.10 18.26
CA GLU B 143 14.25 -33.33 17.63
C GLU B 143 13.78 -32.21 16.67
N ARG B 144 14.42 -31.05 16.77
CA ARG B 144 14.09 -29.98 15.81
C ARG B 144 14.75 -30.22 14.43
N TYR B 145 15.56 -31.26 14.26
CA TYR B 145 16.45 -31.39 13.10
C TYR B 145 16.61 -32.80 12.57
N GLY B 146 17.39 -32.91 11.51
CA GLY B 146 17.94 -34.21 11.06
C GLY B 146 18.98 -34.68 12.05
N VAL B 147 18.78 -35.88 12.58
CA VAL B 147 19.54 -36.41 13.68
C VAL B 147 20.34 -37.57 13.11
N VAL B 148 21.65 -37.55 13.36
CA VAL B 148 22.55 -38.62 12.98
C VAL B 148 22.91 -39.51 14.19
N GLU B 149 22.87 -40.81 13.94
CA GLU B 149 23.17 -41.80 14.94
C GLU B 149 24.47 -42.44 14.55
N PHE B 150 25.34 -42.63 15.54
CA PHE B 150 26.63 -43.26 15.33
C PHE B 150 26.71 -44.58 16.12
N ASP B 151 27.40 -45.58 15.56
CA ASP B 151 27.76 -46.81 16.27
C ASP B 151 28.87 -46.54 17.31
N GLN B 152 29.32 -47.58 18.01
CA GLN B 152 30.41 -47.42 19.00
C GLN B 152 31.74 -46.98 18.37
N GLY B 153 31.91 -47.21 17.08
CA GLY B 153 33.14 -46.86 16.39
C GLY B 153 33.17 -45.45 15.84
N GLY B 154 32.07 -44.70 16.00
CA GLY B 154 31.98 -43.34 15.45
C GLY B 154 31.45 -43.22 14.02
N LYS B 155 31.02 -44.33 13.43
CA LYS B 155 30.46 -44.28 12.07
C LYS B 155 28.98 -43.89 12.09
N ALA B 156 28.60 -42.99 11.19
CA ALA B 156 27.20 -42.61 11.03
C ALA B 156 26.41 -43.78 10.46
N ILE B 157 25.45 -44.31 11.22
CA ILE B 157 24.64 -45.43 10.75
C ILE B 157 23.26 -45.03 10.28
N SER B 158 22.57 -44.15 11.01
CA SER B 158 21.22 -43.73 10.59
C SER B 158 20.95 -42.24 10.72
N LEU B 159 20.08 -41.74 9.83
CA LEU B 159 19.57 -40.36 9.89
C LEU B 159 18.06 -40.35 10.03
N GLU B 160 17.56 -39.45 10.87
CA GLU B 160 16.14 -39.33 11.11
C GLU B 160 15.77 -37.87 11.29
N GLU B 161 14.64 -37.52 10.68
CA GLU B 161 14.23 -36.14 10.52
C GLU B 161 13.21 -35.87 11.60
N LYS B 162 13.55 -34.97 12.51
CA LYS B 162 12.64 -34.56 13.56
C LYS B 162 12.01 -35.77 14.24
N PRO B 163 12.85 -36.68 14.77
CA PRO B 163 12.36 -37.83 15.48
C PRO B 163 11.73 -37.39 16.77
N LEU B 164 10.71 -38.11 17.20
CA LEU B 164 10.13 -37.84 18.52
C LEU B 164 11.04 -38.33 19.64
N GLU B 165 11.86 -39.34 19.36
CA GLU B 165 12.82 -39.93 20.30
C GLU B 165 14.20 -39.95 19.62
N PRO B 166 14.89 -38.81 19.58
CA PRO B 166 16.17 -38.79 18.88
C PRO B 166 17.21 -39.75 19.51
N LYS B 167 18.03 -40.32 18.65
CA LYS B 167 18.96 -41.37 19.04
C LYS B 167 20.22 -40.81 19.63
N SER B 168 20.50 -39.54 19.32
CA SER B 168 21.65 -38.82 19.84
C SER B 168 21.35 -37.34 19.85
N ASN B 169 22.29 -36.56 20.34
CA ASN B 169 22.16 -35.13 20.39
C ASN B 169 22.85 -34.45 19.18
N TYR B 170 23.27 -35.25 18.19
CA TYR B 170 23.94 -34.74 17.03
C TYR B 170 22.99 -34.42 15.88
N ALA B 171 22.97 -33.14 15.52
CA ALA B 171 22.10 -32.61 14.48
C ALA B 171 22.91 -32.32 13.21
N VAL B 172 22.28 -32.51 12.06
CA VAL B 172 22.91 -32.21 10.77
C VAL B 172 22.77 -30.72 10.55
N THR B 173 23.86 -30.01 10.32
CA THR B 173 23.79 -28.54 10.17
C THR B 173 23.25 -28.19 8.80
N GLY B 174 23.00 -26.91 8.56
CA GLY B 174 22.37 -26.50 7.30
C GLY B 174 23.38 -26.22 6.23
N LEU B 175 24.29 -27.17 6.02
CA LEU B 175 25.41 -26.96 5.12
C LEU B 175 25.75 -28.30 4.53
N TYR B 176 25.63 -28.38 3.20
CA TYR B 176 25.66 -29.64 2.50
C TYR B 176 26.43 -29.56 1.16
N PHE B 177 27.34 -30.50 1.00
CA PHE B 177 28.12 -30.70 -0.21
C PHE B 177 27.65 -31.97 -0.91
N TYR B 178 27.49 -31.90 -2.23
CA TYR B 178 27.05 -33.04 -3.03
C TYR B 178 27.88 -33.17 -4.27
N ASP B 179 28.05 -34.40 -4.75
CA ASP B 179 28.62 -34.66 -6.07
C ASP B 179 27.53 -34.47 -7.14
N GLN B 180 27.77 -35.03 -8.34
CA GLN B 180 26.80 -35.04 -9.47
C GLN B 180 25.51 -35.86 -9.31
N GLN B 181 25.42 -36.68 -8.26
CA GLN B 181 24.26 -37.58 -8.13
C GLN B 181 23.08 -36.88 -7.51
N VAL B 182 23.29 -35.77 -6.81
CA VAL B 182 22.20 -35.15 -6.04
C VAL B 182 20.92 -34.81 -6.85
N VAL B 183 21.08 -34.22 -8.02
CA VAL B 183 19.89 -33.83 -8.76
C VAL B 183 19.02 -35.05 -9.11
N ASP B 184 19.64 -36.09 -9.63
CA ASP B 184 18.89 -37.27 -10.04
C ASP B 184 18.18 -37.94 -8.83
N ILE B 185 18.77 -37.85 -7.63
CA ILE B 185 18.18 -38.42 -6.41
C ILE B 185 17.03 -37.60 -5.91
N ALA B 186 17.14 -36.30 -6.13
CA ALA B 186 16.10 -35.37 -5.72
C ALA B 186 14.88 -35.60 -6.60
N ARG B 187 15.09 -35.82 -7.90
CA ARG B 187 13.95 -36.08 -8.80
C ARG B 187 13.12 -37.33 -8.44
N ASP B 188 13.75 -38.31 -7.79
CA ASP B 188 13.05 -39.55 -7.39
C ASP B 188 12.49 -39.50 -5.98
N LEU B 189 12.70 -38.38 -5.27
CA LEU B 189 12.08 -38.19 -3.97
C LEU B 189 10.57 -38.10 -4.15
N LYS B 190 9.85 -38.78 -3.25
CA LYS B 190 8.43 -38.58 -3.12
C LYS B 190 8.24 -37.83 -1.81
N PRO B 191 7.35 -36.81 -1.81
CA PRO B 191 7.19 -35.98 -0.62
C PRO B 191 6.81 -36.83 0.59
N SER B 192 7.30 -36.43 1.77
CA SER B 192 7.08 -37.16 3.02
C SER B 192 5.65 -36.98 3.57
N PRO B 193 5.33 -37.57 4.76
CA PRO B 193 4.00 -37.39 5.37
C PRO B 193 3.59 -35.93 5.63
N ARG B 194 4.55 -35.14 6.10
CA ARG B 194 4.32 -33.72 6.34
C ARG B 194 4.18 -32.91 5.05
N GLY B 195 4.62 -33.50 3.92
CA GLY B 195 4.36 -32.91 2.59
C GLY B 195 5.57 -32.22 1.99
N GLU B 196 6.75 -32.75 2.30
CA GLU B 196 8.00 -32.09 1.95
C GLU B 196 8.93 -33.06 1.25
N LEU B 197 9.71 -32.51 0.33
CA LEU B 197 10.83 -33.20 -0.25
C LEU B 197 11.96 -32.97 0.75
N GLU B 198 12.36 -34.03 1.44
CA GLU B 198 13.19 -33.91 2.65
C GLU B 198 14.65 -33.96 2.28
N ILE B 199 15.42 -33.01 2.78
CA ILE B 199 16.86 -33.06 2.60
C ILE B 199 17.36 -34.34 3.30
N THR B 200 16.83 -34.68 4.45
CA THR B 200 17.29 -35.93 5.11
C THR B 200 17.15 -37.14 4.18
N ASP B 201 16.11 -37.17 3.33
CA ASP B 201 15.95 -38.27 2.39
C ASP B 201 17.07 -38.35 1.40
N VAL B 202 17.53 -37.21 0.91
CA VAL B 202 18.71 -37.20 0.00
C VAL B 202 19.99 -37.73 0.70
N ASN B 203 20.20 -37.26 1.93
CA ASN B 203 21.36 -37.68 2.74
C ASN B 203 21.27 -39.15 3.04
N ARG B 204 20.06 -39.65 3.30
CA ARG B 204 19.93 -41.10 3.49
C ARG B 204 20.26 -41.86 2.21
N ALA B 205 20.00 -41.28 1.03
CA ALA B 205 20.38 -41.92 -0.23
C ALA B 205 21.89 -42.15 -0.27
N TYR B 206 22.67 -41.14 0.11
CA TYR B 206 24.13 -41.33 0.14
C TYR B 206 24.59 -42.31 1.24
N LEU B 207 23.93 -42.26 2.39
CA LEU B 207 24.31 -43.15 3.49
C LEU B 207 24.18 -44.65 3.11
N GLU B 208 23.06 -45.03 2.50
CA GLU B 208 22.85 -46.43 2.06
C GLU B 208 23.85 -46.84 0.96
N ARG B 209 24.34 -45.85 0.21
CA ARG B 209 25.38 -46.06 -0.83
C ARG B 209 26.78 -46.02 -0.22
N GLY B 210 26.87 -45.80 1.09
CA GLY B 210 28.16 -45.67 1.77
C GLY B 210 28.93 -44.42 1.37
N GLN B 211 28.21 -43.44 0.83
CA GLN B 211 28.85 -42.25 0.25
C GLN B 211 28.50 -40.95 1.00
N LEU B 212 27.92 -41.07 2.21
CA LEU B 212 27.71 -39.92 3.11
C LEU B 212 28.87 -39.76 4.11
N SER B 213 29.69 -38.74 3.92
CA SER B 213 30.71 -38.36 4.91
C SER B 213 30.09 -37.42 5.96
N VAL B 214 29.91 -37.95 7.16
CA VAL B 214 29.36 -37.21 8.27
C VAL B 214 30.54 -36.86 9.15
N GLU B 215 30.94 -35.59 9.13
CA GLU B 215 32.01 -35.10 9.99
C GLU B 215 31.45 -34.25 11.13
N ILE B 216 32.10 -34.34 12.27
CA ILE B 216 31.66 -33.64 13.48
C ILE B 216 32.05 -32.17 13.29
N MET B 217 31.14 -31.26 13.62
CA MET B 217 31.46 -29.84 13.70
C MET B 217 31.69 -29.65 15.19
N GLY B 218 32.94 -29.57 15.60
CA GLY B 218 33.30 -29.45 17.01
C GLY B 218 32.57 -28.41 17.84
N ARG B 219 32.62 -28.60 19.15
CA ARG B 219 31.94 -27.76 20.09
C ARG B 219 32.65 -26.43 20.19
N GLY B 220 33.90 -26.43 19.74
CA GLY B 220 34.64 -25.17 19.51
C GLY B 220 34.08 -24.28 18.39
N TYR B 221 33.20 -24.83 17.55
CA TYR B 221 32.48 -24.01 16.60
C TYR B 221 31.13 -23.50 17.16
N ALA B 222 30.77 -22.31 16.71
CA ALA B 222 29.49 -21.73 16.91
C ALA B 222 28.60 -21.95 15.63
N TRP B 223 27.59 -22.81 15.75
CA TRP B 223 26.47 -22.90 14.79
C TRP B 223 25.27 -22.26 15.47
N LEU B 224 25.00 -20.99 15.16
CA LEU B 224 23.97 -20.24 15.88
C LEU B 224 22.57 -20.43 15.31
N ASP B 225 21.62 -20.34 16.24
CA ASP B 225 20.21 -20.61 16.05
C ASP B 225 19.48 -19.29 15.69
N THR B 226 18.83 -19.22 14.50
CA THR B 226 17.94 -18.09 14.19
C THR B 226 16.47 -18.50 13.95
N GLY B 227 16.05 -19.61 14.53
CA GLY B 227 14.68 -20.12 14.33
C GLY B 227 13.57 -19.51 15.18
N THR B 228 13.93 -18.75 16.22
CA THR B 228 12.97 -18.11 17.11
C THR B 228 13.35 -16.66 17.33
N HIS B 229 12.41 -15.84 17.80
CA HIS B 229 12.77 -14.46 18.14
C HIS B 229 13.90 -14.42 19.13
N ASP B 230 13.85 -15.25 20.17
CA ASP B 230 14.89 -15.28 21.22
C ASP B 230 16.25 -15.54 20.61
N SER B 231 16.36 -16.59 19.81
CA SER B 231 17.64 -16.97 19.24
C SER B 231 18.13 -16.00 18.15
N LEU B 232 17.19 -15.26 17.57
CA LEU B 232 17.50 -14.28 16.54
C LEU B 232 18.25 -13.13 17.19
N LEU B 233 17.94 -12.88 18.45
CA LEU B 233 18.53 -11.83 19.28
C LEU B 233 19.86 -12.29 19.92
N GLU B 234 19.88 -13.53 20.37
CA GLU B 234 21.12 -14.13 20.85
C GLU B 234 22.19 -14.05 19.75
N ALA B 235 21.80 -14.30 18.49
CA ALA B 235 22.73 -14.26 17.37
C ALA B 235 23.34 -12.87 17.17
N GLY B 236 22.49 -11.84 17.22
CA GLY B 236 22.96 -10.44 17.19
C GLY B 236 23.91 -10.07 18.33
N GLN B 237 23.63 -10.53 19.55
CA GLN B 237 24.47 -10.26 20.72
C GLN B 237 25.79 -10.99 20.64
N PHE B 238 25.75 -12.15 19.99
CA PHE B 238 26.90 -12.99 19.84
C PHE B 238 27.88 -12.37 18.84
N ILE B 239 27.36 -11.96 17.68
CA ILE B 239 28.15 -11.31 16.64
C ILE B 239 28.70 -9.95 17.08
N ALA B 240 27.96 -9.21 17.92
CA ALA B 240 28.38 -7.84 18.29
C ALA B 240 29.47 -7.91 19.38
N THR B 241 29.41 -8.94 20.21
CA THR B 241 30.43 -9.20 21.21
C THR B 241 31.77 -9.58 20.56
N LEU B 242 31.71 -10.25 19.42
CA LEU B 242 32.89 -10.65 18.68
C LEU B 242 33.46 -9.46 17.88
N GLU B 243 32.64 -8.77 17.11
CA GLU B 243 33.15 -7.64 16.30
C GLU B 243 33.69 -6.46 17.14
N ASN B 244 32.99 -6.12 18.23
CA ASN B 244 33.43 -5.02 19.10
C ASN B 244 34.68 -5.34 19.91
N ARG B 245 34.88 -6.61 20.25
CA ARG B 245 36.05 -7.05 20.97
C ARG B 245 37.26 -7.04 20.06
N GLN B 246 37.07 -7.37 18.78
CA GLN B 246 38.16 -7.60 17.85
C GLN B 246 38.51 -6.46 16.88
N GLY B 247 37.61 -5.52 16.71
CA GLY B 247 37.62 -4.63 15.56
C GLY B 247 37.73 -5.45 14.29
N LEU B 248 37.14 -6.67 14.32
CA LEU B 248 37.08 -7.54 13.14
C LEU B 248 35.63 -8.06 12.87
N LYS B 249 35.16 -7.90 11.63
CA LYS B 249 33.84 -8.41 11.24
C LYS B 249 33.81 -9.91 10.95
N VAL B 250 32.66 -10.51 11.21
CA VAL B 250 32.36 -11.89 10.82
C VAL B 250 31.49 -11.85 9.61
N ALA B 251 31.91 -12.53 8.55
CA ALA B 251 31.06 -12.73 7.38
C ALA B 251 30.84 -11.41 6.61
N CYS B 252 31.95 -10.71 6.36
CA CYS B 252 31.94 -9.47 5.56
C CYS B 252 32.31 -9.93 4.17
N PRO B 253 31.34 -9.93 3.22
CA PRO B 253 31.65 -10.52 1.92
C PRO B 253 32.71 -9.73 1.10
N GLU B 254 32.80 -8.42 1.31
CA GLU B 254 33.80 -7.61 0.63
C GLU B 254 35.22 -8.00 1.06
N GLU B 255 35.38 -8.17 2.37
CA GLU B 255 36.59 -8.73 2.96
C GLU B 255 36.86 -10.14 2.46
N ILE B 256 35.85 -11.01 2.45
CA ILE B 256 36.12 -12.39 2.07
C ILE B 256 36.57 -12.46 0.62
N ALA B 257 35.88 -11.76 -0.27
CA ALA B 257 36.33 -11.61 -1.63
C ALA B 257 37.77 -11.12 -1.71
N TYR B 258 38.09 -10.09 -0.92
CA TYR B 258 39.43 -9.51 -0.96
C TYR B 258 40.53 -10.48 -0.52
N ARG B 259 40.28 -11.18 0.59
CA ARG B 259 41.24 -12.21 1.09
C ARG B 259 41.31 -13.46 0.17
N GLN B 260 40.18 -13.85 -0.43
CA GLN B 260 40.19 -14.82 -1.55
C GLN B 260 40.84 -14.29 -2.85
N LYS B 261 41.05 -12.99 -2.94
CA LYS B 261 41.79 -12.41 -4.07
C LYS B 261 40.89 -12.39 -5.30
N TRP B 262 39.57 -12.32 -5.09
CA TRP B 262 38.61 -12.27 -6.19
C TRP B 262 38.32 -10.83 -6.57
N ILE B 263 38.61 -9.89 -5.67
CA ILE B 263 38.68 -8.46 -6.03
C ILE B 263 40.00 -7.93 -5.49
N ASP B 264 40.49 -6.83 -6.08
CA ASP B 264 41.81 -6.30 -5.74
C ASP B 264 41.69 -5.05 -4.86
N ALA B 265 42.82 -4.38 -4.62
CA ALA B 265 42.82 -3.27 -3.69
C ALA B 265 42.02 -2.09 -4.22
N ALA B 266 42.06 -1.88 -5.53
CA ALA B 266 41.39 -0.74 -6.14
C ALA B 266 39.86 -0.92 -6.17
N GLN B 267 39.38 -2.14 -6.38
CA GLN B 267 37.92 -2.42 -6.34
C GLN B 267 37.37 -2.37 -4.90
N LEU B 268 38.11 -2.92 -3.94
CA LEU B 268 37.70 -2.77 -2.54
C LEU B 268 37.59 -1.31 -2.10
N GLU B 269 38.50 -0.46 -2.59
CA GLU B 269 38.48 0.99 -2.26
C GLU B 269 37.23 1.67 -2.85
N LYS B 270 36.85 1.27 -4.06
CA LYS B 270 35.61 1.77 -4.69
C LYS B 270 34.36 1.37 -3.90
N LEU B 271 34.35 0.13 -3.39
CA LEU B 271 33.28 -0.37 -2.51
C LEU B 271 33.25 0.34 -1.16
N ALA B 272 34.40 0.82 -0.71
CA ALA B 272 34.46 1.56 0.54
C ALA B 272 33.85 2.99 0.42
N ALA B 273 33.91 3.55 -0.78
CA ALA B 273 33.41 4.90 -1.05
C ALA B 273 32.02 5.18 -0.49
N PRO B 274 31.00 4.42 -0.92
CA PRO B 274 29.63 4.89 -0.66
C PRO B 274 29.17 4.78 0.79
N LEU B 275 29.91 4.05 1.61
CA LEU B 275 29.58 3.91 3.02
C LEU B 275 30.64 4.55 3.93
N ALA B 276 31.51 5.37 3.32
CA ALA B 276 32.65 5.98 4.03
C ALA B 276 32.24 6.77 5.26
N LYS B 277 31.03 7.33 5.26
CA LYS B 277 30.51 8.05 6.41
C LYS B 277 30.12 7.16 7.61
N ASN B 278 29.98 5.85 7.40
CA ASN B 278 29.65 4.93 8.53
C ASN B 278 30.66 3.81 8.86
N GLY B 279 30.35 3.06 9.92
CA GLY B 279 31.25 2.01 10.42
C GLY B 279 31.64 1.02 9.37
N TYR B 280 30.70 0.66 8.53
CA TYR B 280 30.91 -0.44 7.63
C TYR B 280 31.87 -0.01 6.55
N GLY B 281 31.60 1.13 5.95
CA GLY B 281 32.55 1.68 4.98
C GLY B 281 33.91 1.92 5.63
N GLN B 282 33.92 2.31 6.89
CA GLN B 282 35.20 2.66 7.49
C GLN B 282 36.04 1.39 7.58
N TYR B 283 35.39 0.34 8.07
CA TYR B 283 35.97 -0.98 8.17
C TYR B 283 36.59 -1.48 6.85
N LEU B 284 35.83 -1.45 5.77
CA LEU B 284 36.37 -1.80 4.43
C LEU B 284 37.60 -1.02 3.98
N LYS B 285 37.67 0.26 4.35
CA LYS B 285 38.82 1.14 3.99
C LYS B 285 40.05 0.65 4.73
N ARG B 286 39.90 0.47 6.04
CA ARG B 286 40.96 -0.08 6.91
C ARG B 286 41.56 -1.38 6.39
N LEU B 287 40.77 -2.19 5.70
CA LEU B 287 41.23 -3.51 5.25
C LEU B 287 42.27 -3.39 4.13
N LEU B 288 42.37 -2.21 3.51
CA LEU B 288 43.37 -1.96 2.48
C LEU B 288 44.80 -1.89 3.04
N THR B 289 44.96 -1.29 4.22
CA THR B 289 46.29 -1.02 4.79
C THR B 289 46.57 -1.74 6.12
N GLU B 290 45.73 -2.69 6.50
CA GLU B 290 46.01 -3.47 7.70
C GLU B 290 46.33 -4.91 7.33
N THR B 291 47.39 -5.45 7.92
CA THR B 291 47.69 -6.85 7.75
C THR B 291 46.98 -7.56 8.89
N VAL B 292 46.15 -8.53 8.52
CA VAL B 292 45.35 -9.29 9.45
C VAL B 292 45.55 -10.77 9.16
N TYR B 293 46.10 -11.47 10.13
CA TYR B 293 46.43 -12.89 9.97
C TYR B 293 45.17 -13.74 10.20
N LYS C 2 15.78 -8.85 -21.38
CA LYS C 2 14.42 -8.80 -20.77
C LYS C 2 13.87 -7.38 -20.83
N ARG C 3 12.54 -7.28 -20.66
CA ARG C 3 11.85 -6.03 -20.88
C ARG C 3 11.11 -5.59 -19.63
N LYS C 4 11.40 -4.36 -19.22
CA LYS C 4 10.78 -3.75 -18.06
C LYS C 4 9.67 -2.95 -18.65
N GLY C 5 8.67 -2.63 -17.85
CA GLY C 5 7.57 -1.78 -18.29
C GLY C 5 7.44 -0.53 -17.45
N ILE C 6 6.82 0.50 -18.01
CA ILE C 6 6.52 1.73 -17.27
C ILE C 6 5.08 2.21 -17.57
N ILE C 7 4.31 2.54 -16.53
CA ILE C 7 3.02 3.19 -16.70
C ILE C 7 3.07 4.65 -16.26
N LEU C 8 2.83 5.55 -17.20
CA LEU C 8 2.68 6.95 -16.84
C LEU C 8 1.23 7.24 -16.49
N ALA C 9 1.00 7.36 -15.18
CA ALA C 9 -0.30 7.64 -14.60
C ALA C 9 -0.24 8.97 -13.84
N GLY C 10 0.12 10.01 -14.58
CA GLY C 10 0.38 11.31 -13.98
C GLY C 10 -0.84 12.19 -13.94
N GLY C 11 -0.61 13.43 -13.52
CA GLY C 11 -1.66 14.42 -13.45
C GLY C 11 -2.27 14.74 -14.81
N SER C 12 -3.58 14.95 -14.81
CA SER C 12 -4.28 15.56 -15.94
C SER C 12 -4.65 17.00 -15.55
N GLY C 13 -3.97 17.50 -14.52
CA GLY C 13 -4.23 18.82 -13.97
C GLY C 13 -5.61 18.94 -13.36
N THR C 14 -6.36 19.90 -13.87
CA THR C 14 -7.69 20.21 -13.42
C THR C 14 -8.71 19.95 -14.54
N ARG C 15 -8.23 19.54 -15.71
CA ARG C 15 -9.06 19.39 -16.89
C ARG C 15 -10.17 18.34 -16.80
N LEU C 16 -10.26 17.58 -15.70
CA LEU C 16 -11.42 16.68 -15.48
C LEU C 16 -12.08 16.91 -14.10
N HIS C 17 -11.67 18.00 -13.45
CA HIS C 17 -12.29 18.45 -12.22
C HIS C 17 -13.68 18.82 -12.56
N PRO C 18 -14.61 18.63 -11.61
CA PRO C 18 -14.40 18.16 -10.23
C PRO C 18 -14.39 16.64 -10.00
N ALA C 19 -14.75 15.84 -11.01
CA ALA C 19 -14.70 14.38 -10.88
C ALA C 19 -13.41 13.92 -10.19
N THR C 20 -12.32 14.54 -10.63
CA THR C 20 -10.96 14.17 -10.27
C THR C 20 -10.39 14.93 -9.04
N LEU C 21 -11.19 15.75 -8.36
CA LEU C 21 -10.77 16.29 -7.04
C LEU C 21 -10.81 15.16 -6.02
N ALA C 22 -11.70 14.21 -6.29
CA ALA C 22 -11.88 13.00 -5.48
C ALA C 22 -10.64 12.11 -5.52
N ILE C 23 -10.30 11.64 -6.72
CA ILE C 23 -9.10 10.84 -6.99
C ILE C 23 -8.49 11.09 -8.36
N SER C 24 -7.27 10.58 -8.52
CA SER C 24 -6.55 10.64 -9.80
C SER C 24 -7.40 10.07 -10.91
N LYS C 25 -7.17 10.61 -12.10
CA LYS C 25 -7.85 10.11 -13.27
C LYS C 25 -7.76 8.60 -13.38
N GLN C 26 -6.55 8.06 -13.19
CA GLN C 26 -6.29 6.68 -13.56
C GLN C 26 -6.81 5.73 -12.44
N LEU C 27 -7.41 6.33 -11.40
CA LEU C 27 -8.12 5.58 -10.38
C LEU C 27 -9.61 5.49 -10.65
N LEU C 28 -10.12 6.43 -11.46
CA LEU C 28 -11.51 6.41 -11.87
C LEU C 28 -11.77 5.13 -12.65
N PRO C 29 -12.99 4.60 -12.51
CA PRO C 29 -13.26 3.35 -13.16
C PRO C 29 -13.73 3.52 -14.60
N VAL C 30 -13.31 2.58 -15.45
CA VAL C 30 -13.93 2.40 -16.76
C VAL C 30 -14.89 1.19 -16.57
N TYR C 31 -16.18 1.47 -16.44
CA TYR C 31 -17.21 0.48 -16.08
C TYR C 31 -16.98 -0.12 -14.69
N ASP C 32 -16.26 -1.22 -14.59
CA ASP C 32 -16.29 -2.03 -13.34
C ASP C 32 -14.93 -2.09 -12.62
N LYS C 33 -13.89 -1.54 -13.25
CA LYS C 33 -12.52 -1.63 -12.80
C LYS C 33 -11.80 -0.30 -13.02
N PRO C 34 -10.84 0.05 -12.14
CA PRO C 34 -10.03 1.28 -12.23
C PRO C 34 -9.24 1.38 -13.52
N MET C 35 -9.32 2.56 -14.13
CA MET C 35 -8.69 2.86 -15.40
C MET C 35 -7.35 2.20 -15.57
N ILE C 36 -6.50 2.25 -14.53
CA ILE C 36 -5.16 1.74 -14.62
C ILE C 36 -5.05 0.22 -14.82
N TYR C 37 -6.09 -0.54 -14.44
CA TYR C 37 -6.13 -1.98 -14.79
C TYR C 37 -5.96 -2.30 -16.32
N TYR C 38 -6.39 -1.38 -17.19
CA TYR C 38 -6.28 -1.63 -18.64
C TYR C 38 -4.81 -1.54 -19.17
N PRO C 39 -4.11 -0.41 -18.94
CA PRO C 39 -2.69 -0.39 -19.34
C PRO C 39 -1.78 -1.38 -18.58
N LEU C 40 -2.12 -1.66 -17.32
CA LEU C 40 -1.45 -2.70 -16.55
C LEU C 40 -1.67 -4.02 -17.28
N SER C 41 -2.91 -4.31 -17.59
CA SER C 41 -3.25 -5.54 -18.27
C SER C 41 -2.58 -5.62 -19.62
N THR C 42 -2.37 -4.46 -20.24
CA THR C 42 -1.72 -4.41 -21.55
C THR C 42 -0.25 -4.77 -21.46
N LEU C 43 0.44 -4.24 -20.47
CA LEU C 43 1.82 -4.65 -20.25
C LEU C 43 1.85 -6.11 -19.87
N MET C 44 0.93 -6.59 -19.05
CA MET C 44 0.93 -8.04 -18.70
C MET C 44 0.80 -8.92 -19.94
N LEU C 45 -0.10 -8.53 -20.85
CA LEU C 45 -0.32 -9.29 -22.11
C LEU C 45 0.94 -9.29 -22.98
N ALA C 46 1.70 -8.20 -23.04
CA ALA C 46 3.00 -8.28 -23.76
C ALA C 46 4.06 -9.11 -22.98
N GLY C 47 3.66 -9.80 -21.92
CA GLY C 47 4.57 -10.67 -21.18
C GLY C 47 5.51 -9.92 -20.24
N ILE C 48 5.16 -8.68 -19.88
CA ILE C 48 5.98 -7.86 -19.00
C ILE C 48 5.52 -7.97 -17.54
N ARG C 49 6.46 -8.30 -16.63
CA ARG C 49 6.17 -8.60 -15.20
C ARG C 49 6.70 -7.59 -14.22
N GLU C 50 7.65 -6.78 -14.67
CA GLU C 50 8.36 -5.86 -13.81
C GLU C 50 8.02 -4.47 -14.24
N ILE C 51 7.21 -3.79 -13.44
CA ILE C 51 6.58 -2.53 -13.87
C ILE C 51 6.76 -1.34 -12.92
N LEU C 52 7.17 -0.20 -13.49
CA LEU C 52 7.25 1.06 -12.75
C LEU C 52 6.05 2.01 -13.03
N ILE C 53 5.35 2.35 -11.96
CA ILE C 53 4.25 3.30 -11.99
C ILE C 53 4.77 4.66 -11.49
N ILE C 54 4.65 5.64 -12.35
CA ILE C 54 4.98 7.03 -12.09
C ILE C 54 3.67 7.82 -12.05
N SER C 55 3.45 8.55 -10.96
CA SER C 55 2.25 9.36 -10.71
C SER C 55 2.71 10.49 -9.80
N THR C 56 1.78 11.34 -9.34
CA THR C 56 2.13 12.45 -8.46
C THR C 56 2.50 12.00 -7.04
N PRO C 57 3.15 12.88 -6.27
CA PRO C 57 3.46 12.45 -4.92
C PRO C 57 2.19 12.01 -4.20
N GLN C 58 1.10 12.74 -4.43
CA GLN C 58 -0.14 12.54 -3.72
C GLN C 58 -0.86 11.25 -4.13
N ASP C 59 -0.74 10.87 -5.39
CA ASP C 59 -1.45 9.69 -5.89
C ASP C 59 -0.65 8.38 -5.78
N THR C 60 0.65 8.46 -5.56
CA THR C 60 1.48 7.25 -5.44
C THR C 60 0.86 6.31 -4.39
N PRO C 61 0.59 6.83 -3.17
CA PRO C 61 0.01 5.99 -2.12
C PRO C 61 -1.30 5.36 -2.52
N ARG C 62 -2.12 6.10 -3.26
CA ARG C 62 -3.40 5.59 -3.67
C ARG C 62 -3.23 4.43 -4.63
N PHE C 63 -2.29 4.55 -5.56
CA PHE C 63 -1.98 3.45 -6.47
C PHE C 63 -1.43 2.30 -5.66
N GLN C 64 -0.52 2.59 -4.75
CA GLN C 64 0.06 1.55 -3.89
C GLN C 64 -0.98 0.69 -3.16
N GLN C 65 -1.98 1.35 -2.65
CA GLN C 65 -3.03 0.74 -1.89
C GLN C 65 -3.86 -0.16 -2.77
N LEU C 66 -4.19 0.28 -3.96
CA LEU C 66 -4.89 -0.58 -4.92
C LEU C 66 -4.04 -1.79 -5.30
N LEU C 67 -2.80 -1.52 -5.68
CA LEU C 67 -2.01 -2.51 -6.48
C LEU C 67 -0.90 -3.22 -5.73
N GLY C 68 -0.37 -2.59 -4.67
CA GLY C 68 0.66 -3.19 -3.83
C GLY C 68 1.94 -3.25 -4.59
N ASP C 69 2.69 -4.33 -4.34
CA ASP C 69 3.96 -4.60 -5.02
C ASP C 69 3.75 -5.56 -6.18
N GLY C 70 2.50 -5.92 -6.43
CA GLY C 70 2.16 -6.80 -7.53
C GLY C 70 2.35 -8.28 -7.29
N SER C 71 2.97 -8.65 -6.18
CA SER C 71 3.32 -10.08 -5.92
C SER C 71 2.09 -11.00 -5.83
N ASN C 72 0.97 -10.46 -5.38
CA ASN C 72 -0.33 -11.19 -5.48
C ASN C 72 -0.59 -11.67 -6.91
N TRP C 73 -0.08 -10.95 -7.90
CA TRP C 73 -0.44 -11.31 -9.29
C TRP C 73 0.70 -11.81 -10.11
N GLY C 74 1.81 -12.11 -9.46
CA GLY C 74 2.98 -12.65 -10.17
C GLY C 74 3.85 -11.56 -10.75
N LEU C 75 3.61 -10.31 -10.33
CA LEU C 75 4.30 -9.13 -10.83
C LEU C 75 5.26 -8.61 -9.77
N ASP C 76 6.20 -7.78 -10.19
CA ASP C 76 6.93 -6.94 -9.28
C ASP C 76 6.68 -5.51 -9.71
N LEU C 77 5.79 -4.84 -8.99
CA LEU C 77 5.41 -3.45 -9.20
C LEU C 77 6.21 -2.50 -8.30
N GLN C 78 6.81 -1.49 -8.90
CA GLN C 78 7.57 -0.45 -8.20
C GLN C 78 6.96 0.94 -8.50
N TYR C 79 7.29 1.92 -7.66
CA TYR C 79 6.69 3.24 -7.80
C TYR C 79 7.72 4.36 -7.74
N ALA C 80 7.45 5.40 -8.52
CA ALA C 80 8.29 6.59 -8.58
C ALA C 80 7.41 7.84 -8.72
N VAL C 81 7.71 8.87 -7.93
CA VAL C 81 6.87 10.06 -7.93
C VAL C 81 7.33 11.03 -9.00
N GLN C 82 6.37 11.63 -9.70
CA GLN C 82 6.63 12.74 -10.63
C GLN C 82 6.16 14.02 -9.96
N PRO C 83 7.11 14.93 -9.63
CA PRO C 83 6.73 16.17 -8.93
C PRO C 83 5.99 17.15 -9.83
N SER C 84 6.52 17.38 -11.02
CA SER C 84 5.97 18.36 -11.96
C SER C 84 5.61 17.69 -13.27
N PRO C 85 4.64 18.25 -14.00
CA PRO C 85 4.28 17.64 -15.30
C PRO C 85 5.16 18.13 -16.47
N ASP C 86 6.43 17.76 -16.45
CA ASP C 86 7.43 18.24 -17.41
C ASP C 86 7.47 17.41 -18.71
N GLY C 87 6.40 16.68 -19.01
CA GLY C 87 6.36 15.89 -20.25
C GLY C 87 6.57 14.41 -19.99
N LEU C 88 6.04 13.57 -20.90
CA LEU C 88 6.07 12.11 -20.69
C LEU C 88 7.41 11.46 -21.01
N ALA C 89 8.28 12.15 -21.75
CA ALA C 89 9.66 11.69 -21.98
C ALA C 89 10.55 11.76 -20.71
N GLN C 90 10.11 12.53 -19.69
CA GLN C 90 10.76 12.54 -18.35
C GLN C 90 10.58 11.21 -17.62
N ALA C 91 9.60 10.41 -18.04
CA ALA C 91 9.43 9.06 -17.55
C ALA C 91 10.73 8.23 -17.55
N PHE C 92 11.59 8.45 -18.56
CA PHE C 92 12.83 7.71 -18.74
C PHE C 92 13.94 8.17 -17.80
N LEU C 93 13.96 9.45 -17.51
CA LEU C 93 14.91 10.04 -16.58
C LEU C 93 14.55 9.67 -15.16
N ILE C 94 13.30 9.92 -14.80
CA ILE C 94 12.78 9.47 -13.52
C ILE C 94 13.04 7.98 -13.41
N GLY C 95 12.67 7.24 -14.46
CA GLY C 95 12.78 5.78 -14.45
C GLY C 95 14.14 5.20 -14.78
N GLU C 96 15.18 6.03 -14.77
CA GLU C 96 16.51 5.67 -15.31
C GLU C 96 17.18 4.50 -14.61
N SER C 97 17.06 4.38 -13.29
CA SER C 97 17.71 3.27 -12.56
C SER C 97 16.82 2.04 -12.53
N PHE C 98 15.50 2.25 -12.58
CA PHE C 98 14.58 1.15 -12.77
C PHE C 98 14.91 0.44 -14.08
N ILE C 99 15.07 1.20 -15.15
CA ILE C 99 15.42 0.65 -16.48
C ILE C 99 16.78 -0.05 -16.53
N GLY C 100 17.83 0.60 -15.99
CA GLY C 100 19.17 0.04 -16.02
C GLY C 100 19.57 -0.30 -17.43
N ASN C 101 20.17 -1.48 -17.65
CA ASN C 101 20.56 -1.87 -19.01
C ASN C 101 19.49 -2.64 -19.79
N ASP C 102 18.25 -2.66 -19.33
CA ASP C 102 17.25 -3.55 -19.89
C ASP C 102 16.54 -2.90 -21.04
N LEU C 103 15.68 -3.68 -21.70
CA LEU C 103 14.71 -3.13 -22.66
C LEU C 103 13.53 -2.63 -21.86
N SER C 104 12.69 -1.83 -22.52
CA SER C 104 11.58 -1.17 -21.86
C SER C 104 10.32 -1.06 -22.73
N ALA C 105 9.21 -0.77 -22.05
CA ALA C 105 7.95 -0.40 -22.69
C ALA C 105 7.24 0.67 -21.88
N LEU C 106 6.76 1.72 -22.55
CA LEU C 106 6.01 2.78 -21.91
C LEU C 106 4.57 2.82 -22.43
N VAL C 107 3.62 2.87 -21.49
CA VAL C 107 2.18 2.95 -21.82
C VAL C 107 1.56 4.10 -21.03
N LEU C 108 0.60 4.79 -21.63
CA LEU C 108 -0.16 5.80 -20.93
C LEU C 108 -1.21 5.15 -20.03
N GLY C 109 -1.39 5.71 -18.84
CA GLY C 109 -2.29 5.13 -17.84
C GLY C 109 -3.77 5.32 -18.15
N ASP C 110 -4.05 6.08 -19.20
CA ASP C 110 -5.44 6.31 -19.57
C ASP C 110 -5.76 5.91 -21.01
N ASN C 111 -5.05 4.93 -21.55
CA ASN C 111 -5.44 4.33 -22.82
C ASN C 111 -5.99 2.93 -22.64
N LEU C 112 -6.98 2.65 -23.49
CA LEU C 112 -7.77 1.44 -23.51
C LEU C 112 -7.55 0.74 -24.86
N TYR C 113 -7.05 -0.48 -24.82
CA TYR C 113 -6.89 -1.30 -26.01
C TYR C 113 -7.77 -2.55 -25.98
N TYR C 114 -8.26 -2.94 -27.16
CA TYR C 114 -9.06 -4.15 -27.33
C TYR C 114 -9.01 -4.73 -28.76
N GLY C 115 -8.68 -6.03 -28.83
CA GLY C 115 -8.98 -6.79 -30.03
C GLY C 115 -8.38 -8.15 -30.14
N HIS C 116 -8.77 -8.84 -31.19
CA HIS C 116 -8.33 -10.19 -31.47
C HIS C 116 -6.87 -10.21 -31.83
N ASP C 117 -6.18 -11.19 -31.24
CA ASP C 117 -4.73 -11.40 -31.35
C ASP C 117 -3.90 -10.24 -30.86
N PHE C 118 -4.47 -9.45 -29.94
CA PHE C 118 -3.73 -8.35 -29.31
C PHE C 118 -2.43 -8.87 -28.66
N HIS C 119 -2.54 -10.04 -28.02
CA HIS C 119 -1.39 -10.76 -27.48
C HIS C 119 -0.27 -10.96 -28.50
N GLU C 120 -0.63 -11.27 -29.73
CA GLU C 120 0.36 -11.51 -30.80
C GLU C 120 0.96 -10.23 -31.41
N LEU C 121 0.13 -9.20 -31.52
CA LEU C 121 0.61 -7.90 -31.95
C LEU C 121 1.64 -7.31 -30.96
N LEU C 122 1.44 -7.55 -29.68
CA LEU C 122 2.33 -7.02 -28.68
C LEU C 122 3.57 -7.88 -28.58
N GLY C 123 3.43 -9.17 -28.79
CA GLY C 123 4.57 -10.07 -28.85
C GLY C 123 5.60 -9.72 -29.90
N SER C 124 5.13 -9.44 -31.12
CA SER C 124 6.02 -9.15 -32.22
C SER C 124 6.80 -7.84 -32.02
N ALA C 125 6.25 -6.86 -31.32
CA ALA C 125 7.07 -5.69 -31.01
C ALA C 125 7.94 -5.97 -29.77
N SER C 126 7.42 -6.68 -28.79
CA SER C 126 8.18 -7.01 -27.59
C SER C 126 9.35 -7.91 -27.92
N GLN C 127 9.18 -8.74 -28.96
CA GLN C 127 10.20 -9.74 -29.38
C GLN C 127 11.47 -9.10 -29.92
N ARG C 128 11.33 -7.95 -30.59
CA ARG C 128 12.49 -7.25 -31.16
C ARG C 128 13.34 -6.67 -30.02
N GLN C 129 14.61 -7.04 -30.03
CA GLN C 129 15.57 -6.68 -28.99
C GLN C 129 16.43 -5.48 -29.41
N THR C 130 16.24 -4.94 -30.62
CA THR C 130 16.85 -3.66 -30.99
C THR C 130 15.86 -2.66 -31.60
N GLY C 131 16.15 -1.38 -31.36
CA GLY C 131 15.40 -0.28 -31.93
C GLY C 131 14.13 -0.08 -31.16
N ALA C 132 13.17 0.61 -31.80
CA ALA C 132 11.94 0.99 -31.18
C ALA C 132 10.74 0.59 -32.05
N SER C 133 9.64 0.25 -31.39
CA SER C 133 8.39 -0.10 -32.07
C SER C 133 7.20 0.59 -31.49
N VAL C 134 6.41 1.24 -32.38
CA VAL C 134 5.18 1.95 -32.05
C VAL C 134 4.08 1.54 -33.02
N PHE C 135 2.83 1.90 -32.68
CA PHE C 135 1.63 1.51 -33.41
C PHE C 135 0.87 2.75 -33.87
N ALA C 136 0.42 2.72 -35.13
CA ALA C 136 -0.33 3.82 -35.77
C ALA C 136 -1.73 3.32 -36.02
N TYR C 137 -2.70 4.16 -35.70
CA TYR C 137 -4.10 3.76 -35.66
C TYR C 137 -4.87 4.88 -36.27
N HIS C 138 -5.73 4.55 -37.25
CA HIS C 138 -6.54 5.55 -37.95
C HIS C 138 -7.56 6.17 -37.00
N VAL C 139 -7.50 7.50 -36.87
CA VAL C 139 -8.40 8.28 -36.05
C VAL C 139 -9.01 9.48 -36.80
N LEU C 140 -10.21 9.89 -36.37
CA LEU C 140 -10.88 11.12 -36.83
C LEU C 140 -10.04 12.40 -36.61
N ASP C 141 -9.36 12.48 -35.46
CA ASP C 141 -8.73 13.72 -35.02
C ASP C 141 -7.24 13.62 -34.74
N PRO C 142 -6.41 13.45 -35.78
CA PRO C 142 -4.98 13.24 -35.55
C PRO C 142 -4.20 14.42 -34.94
N GLU C 143 -4.76 15.64 -35.02
CA GLU C 143 -4.28 16.83 -34.30
C GLU C 143 -4.08 16.63 -32.82
N ARG C 144 -4.77 15.66 -32.23
CA ARG C 144 -4.67 15.40 -30.77
C ARG C 144 -3.44 14.59 -30.42
N TYR C 145 -2.79 13.98 -31.40
CA TYR C 145 -1.72 13.04 -31.14
C TYR C 145 -0.49 13.28 -31.96
N GLY C 146 0.52 12.48 -31.68
CA GLY C 146 1.65 12.30 -32.59
C GLY C 146 1.10 11.67 -33.86
N VAL C 147 1.61 12.05 -35.00
CA VAL C 147 0.98 11.67 -36.28
C VAL C 147 2.12 11.19 -37.12
N VAL C 148 2.03 9.94 -37.59
CA VAL C 148 3.04 9.39 -38.47
C VAL C 148 2.66 9.56 -39.95
N GLU C 149 3.63 9.97 -40.75
CA GLU C 149 3.50 10.06 -42.19
C GLU C 149 4.19 8.86 -42.86
N PHE C 150 3.53 8.30 -43.88
CA PHE C 150 4.07 7.22 -44.69
C PHE C 150 4.25 7.65 -46.16
N ASP C 151 5.22 7.02 -46.82
CA ASP C 151 5.45 7.24 -48.25
C ASP C 151 4.58 6.24 -49.02
N GLN C 152 4.56 6.35 -50.34
CA GLN C 152 3.67 5.49 -51.15
C GLN C 152 3.88 3.97 -50.85
N GLY C 153 5.10 3.62 -50.46
CA GLY C 153 5.41 2.23 -50.12
C GLY C 153 4.95 1.75 -48.76
N GLY C 154 4.42 2.66 -47.93
CA GLY C 154 4.00 2.32 -46.57
C GLY C 154 5.09 2.47 -45.51
N LYS C 155 6.19 3.12 -45.84
CA LYS C 155 7.26 3.31 -44.86
C LYS C 155 7.15 4.69 -44.19
N ALA C 156 7.32 4.71 -42.87
CA ALA C 156 7.29 5.93 -42.07
C ALA C 156 8.34 6.90 -42.60
N ILE C 157 7.96 8.14 -42.84
CA ILE C 157 8.94 9.13 -43.29
C ILE C 157 9.03 10.40 -42.46
N SER C 158 8.02 10.66 -41.62
CA SER C 158 8.04 11.76 -40.67
C SER C 158 7.08 11.53 -39.48
N LEU C 159 7.41 12.13 -38.33
CA LEU C 159 6.54 12.20 -37.14
C LEU C 159 6.35 13.65 -36.71
N GLU C 160 5.15 13.98 -36.25
CA GLU C 160 4.85 15.32 -35.76
C GLU C 160 3.92 15.22 -34.56
N GLU C 161 4.21 16.02 -33.54
CA GLU C 161 3.45 16.09 -32.31
C GLU C 161 2.32 17.13 -32.39
N LYS C 162 1.07 16.66 -32.23
CA LYS C 162 -0.10 17.53 -32.23
C LYS C 162 -0.12 18.56 -33.37
N PRO C 163 0.19 18.15 -34.60
CA PRO C 163 0.18 19.14 -35.69
C PRO C 163 -1.21 19.74 -35.99
N LEU C 164 -1.30 21.06 -36.15
CA LEU C 164 -2.52 21.75 -36.60
C LEU C 164 -2.95 21.37 -38.02
N GLU C 165 -2.04 20.78 -38.80
CA GLU C 165 -2.31 20.41 -40.19
C GLU C 165 -1.71 19.04 -40.50
N PRO C 166 -2.34 17.95 -39.99
CA PRO C 166 -1.76 16.58 -39.98
C PRO C 166 -1.43 16.05 -41.34
N LYS C 167 -0.43 15.17 -41.42
CA LYS C 167 -0.03 14.60 -42.71
C LYS C 167 -0.85 13.39 -43.06
N SER C 168 -1.40 12.74 -42.04
CA SER C 168 -2.22 11.56 -42.21
C SER C 168 -3.22 11.56 -41.07
N ASN C 169 -4.13 10.59 -41.10
CA ASN C 169 -5.01 10.29 -39.95
C ASN C 169 -4.47 9.19 -39.06
N TYR C 170 -3.18 8.87 -39.24
CA TYR C 170 -2.53 7.82 -38.48
C TYR C 170 -1.90 8.40 -37.25
N ALA C 171 -2.58 8.21 -36.10
CA ALA C 171 -2.01 8.55 -34.78
C ALA C 171 -1.12 7.47 -34.20
N VAL C 172 -0.05 7.90 -33.57
CA VAL C 172 0.82 7.02 -32.81
C VAL C 172 0.16 6.73 -31.47
N THR C 173 -0.12 5.48 -31.15
CA THR C 173 -0.83 5.15 -29.89
C THR C 173 0.07 5.41 -28.69
N GLY C 174 -0.48 5.40 -27.47
CA GLY C 174 0.30 5.60 -26.22
C GLY C 174 0.80 4.28 -25.66
N LEU C 175 1.50 3.53 -26.51
CA LEU C 175 2.07 2.28 -26.15
C LEU C 175 3.32 2.08 -26.95
N TYR C 176 4.46 2.03 -26.27
CA TYR C 176 5.78 2.15 -26.93
C TYR C 176 6.82 1.18 -26.43
N PHE C 177 7.66 0.69 -27.35
CA PHE C 177 8.70 -0.26 -27.01
C PHE C 177 10.08 0.27 -27.34
N TYR C 178 11.01 0.16 -26.39
CA TYR C 178 12.35 0.73 -26.56
C TYR C 178 13.48 -0.23 -26.20
N ASP C 179 14.59 -0.15 -26.94
CA ASP C 179 15.84 -0.82 -26.58
C ASP C 179 16.61 -0.02 -25.54
N GLN C 180 17.88 -0.38 -25.33
CA GLN C 180 18.71 0.25 -24.31
C GLN C 180 19.13 1.66 -24.67
N GLN C 181 18.76 2.13 -25.86
CA GLN C 181 19.22 3.47 -26.28
C GLN C 181 18.31 4.56 -25.78
N VAL C 182 17.19 4.19 -25.18
CA VAL C 182 16.14 5.16 -24.93
C VAL C 182 16.52 6.19 -23.89
N VAL C 183 17.19 5.73 -22.83
CA VAL C 183 17.60 6.67 -21.77
C VAL C 183 18.54 7.78 -22.34
N ASP C 184 19.53 7.39 -23.12
CA ASP C 184 20.55 8.32 -23.59
C ASP C 184 19.98 9.34 -24.59
N ILE C 185 19.25 8.86 -25.60
CA ILE C 185 18.49 9.73 -26.49
C ILE C 185 17.68 10.72 -25.66
N ALA C 186 16.87 10.22 -24.73
CA ALA C 186 16.09 11.03 -23.78
C ALA C 186 16.89 12.07 -23.01
N ARG C 187 18.11 11.75 -22.61
CA ARG C 187 18.91 12.69 -21.79
C ARG C 187 19.39 13.86 -22.65
N ASP C 188 19.49 13.62 -23.96
CA ASP C 188 19.86 14.67 -24.91
C ASP C 188 18.68 15.57 -25.31
N LEU C 189 17.51 15.34 -24.73
CA LEU C 189 16.36 16.21 -25.02
C LEU C 189 16.28 17.43 -24.09
N LYS C 190 15.89 18.56 -24.67
CA LYS C 190 15.55 19.77 -23.92
C LYS C 190 14.06 20.06 -24.13
N PRO C 191 13.40 20.73 -23.16
CA PRO C 191 11.94 20.88 -23.25
C PRO C 191 11.43 21.62 -24.50
N SER C 192 10.23 21.25 -24.95
CA SER C 192 9.61 21.82 -26.15
C SER C 192 9.11 23.22 -25.84
N PRO C 193 8.61 23.97 -26.86
CA PRO C 193 8.04 25.31 -26.60
C PRO C 193 6.99 25.37 -25.48
N ARG C 194 6.23 24.28 -25.30
CA ARG C 194 5.25 24.18 -24.23
C ARG C 194 5.96 24.01 -22.88
N GLY C 195 7.17 23.46 -22.93
CA GLY C 195 8.01 23.25 -21.76
C GLY C 195 8.06 21.79 -21.31
N GLU C 196 7.88 20.88 -22.27
CA GLU C 196 7.81 19.44 -21.98
C GLU C 196 8.82 18.63 -22.80
N LEU C 197 9.26 17.52 -22.20
CA LEU C 197 10.11 16.52 -22.87
C LEU C 197 9.19 15.57 -23.62
N GLU C 198 9.20 15.63 -24.96
CA GLU C 198 8.19 14.96 -25.79
C GLU C 198 8.59 13.55 -26.21
N ILE C 199 7.64 12.61 -26.18
CA ILE C 199 7.91 11.26 -26.67
C ILE C 199 8.15 11.22 -28.20
N THR C 200 7.48 12.09 -28.91
CA THR C 200 7.68 12.23 -30.36
C THR C 200 9.14 12.53 -30.72
N ASP C 201 9.80 13.35 -29.92
CA ASP C 201 11.20 13.69 -30.17
C ASP C 201 12.08 12.45 -30.01
N VAL C 202 11.73 11.56 -29.08
CA VAL C 202 12.44 10.29 -28.86
C VAL C 202 12.23 9.35 -30.04
N ASN C 203 10.96 9.09 -30.38
CA ASN C 203 10.63 8.27 -31.54
C ASN C 203 11.27 8.77 -32.85
N ARG C 204 11.33 10.10 -33.00
CA ARG C 204 11.94 10.69 -34.19
C ARG C 204 13.41 10.33 -34.31
N ALA C 205 14.09 10.27 -33.17
CA ALA C 205 15.50 9.97 -33.10
C ALA C 205 15.74 8.54 -33.54
N TYR C 206 14.86 7.63 -33.12
CA TYR C 206 14.93 6.25 -33.64
C TYR C 206 14.68 6.26 -35.16
N LEU C 207 13.71 7.05 -35.61
CA LEU C 207 13.36 7.10 -37.03
C LEU C 207 14.59 7.49 -37.86
N GLU C 208 15.28 8.58 -37.48
CA GLU C 208 16.51 9.04 -38.17
C GLU C 208 17.67 8.03 -38.10
N ARG C 209 17.68 7.17 -37.09
CA ARG C 209 18.68 6.10 -37.01
C ARG C 209 18.31 4.90 -37.86
N GLY C 210 17.16 4.95 -38.53
CA GLY C 210 16.60 3.78 -39.19
C GLY C 210 16.14 2.68 -38.24
N GLN C 211 15.90 3.01 -36.98
CA GLN C 211 15.60 1.94 -35.99
C GLN C 211 14.22 2.03 -35.41
N LEU C 212 13.30 2.65 -36.14
CA LEU C 212 11.93 2.80 -35.69
C LEU C 212 11.08 1.90 -36.55
N SER C 213 10.39 0.98 -35.91
CA SER C 213 9.43 0.14 -36.60
C SER C 213 8.05 0.70 -36.30
N VAL C 214 7.26 1.01 -37.32
CA VAL C 214 5.90 1.49 -37.11
C VAL C 214 4.90 0.51 -37.67
N GLU C 215 4.31 -0.28 -36.77
CA GLU C 215 3.33 -1.27 -37.17
C GLU C 215 1.92 -0.67 -37.08
N ILE C 216 1.10 -1.05 -38.05
CA ILE C 216 -0.25 -0.62 -38.05
C ILE C 216 -1.03 -1.42 -37.00
N MET C 217 -1.78 -0.72 -36.14
CA MET C 217 -2.87 -1.33 -35.38
C MET C 217 -4.13 -1.20 -36.22
N GLY C 218 -4.71 -2.34 -36.61
CA GLY C 218 -5.81 -2.34 -37.54
C GLY C 218 -7.10 -1.75 -37.00
N ARG C 219 -8.02 -1.43 -37.92
CA ARG C 219 -9.30 -0.91 -37.56
C ARG C 219 -10.18 -1.94 -36.79
N GLY C 220 -9.83 -3.22 -36.83
CA GLY C 220 -10.52 -4.21 -36.04
C GLY C 220 -10.14 -4.21 -34.55
N TYR C 221 -9.07 -3.47 -34.22
CA TYR C 221 -8.78 -3.18 -32.82
C TYR C 221 -9.51 -1.92 -32.36
N ALA C 222 -9.86 -1.87 -31.08
CA ALA C 222 -10.40 -0.71 -30.46
C ALA C 222 -9.27 0.01 -29.74
N TRP C 223 -8.97 1.26 -30.15
CA TRP C 223 -8.13 2.15 -29.32
C TRP C 223 -8.99 3.30 -28.88
N LEU C 224 -9.17 3.41 -27.58
CA LEU C 224 -9.98 4.48 -26.99
C LEU C 224 -9.14 5.19 -25.95
N ASP C 225 -9.43 6.44 -25.67
CA ASP C 225 -8.90 6.98 -24.42
C ASP C 225 -9.98 7.69 -23.63
N THR C 226 -9.54 8.25 -22.53
CA THR C 226 -10.38 8.55 -21.44
C THR C 226 -10.10 9.99 -21.00
N GLY C 227 -9.66 10.82 -21.95
CA GLY C 227 -9.26 12.21 -21.68
C GLY C 227 -10.36 13.21 -21.33
N THR C 228 -11.59 12.98 -21.80
CA THR C 228 -12.72 13.80 -21.43
C THR C 228 -13.77 12.95 -20.66
N HIS C 229 -14.67 13.64 -19.97
CA HIS C 229 -15.81 12.96 -19.37
C HIS C 229 -16.67 12.26 -20.38
N ASP C 230 -16.83 12.83 -21.57
CA ASP C 230 -17.68 12.19 -22.59
C ASP C 230 -17.06 10.85 -23.00
N SER C 231 -15.74 10.87 -23.24
CA SER C 231 -15.04 9.72 -23.82
C SER C 231 -14.87 8.60 -22.79
N LEU C 232 -14.62 8.99 -21.54
CA LEU C 232 -14.60 8.06 -20.41
C LEU C 232 -15.89 7.23 -20.40
N LEU C 233 -17.02 7.95 -20.44
CA LEU C 233 -18.39 7.42 -20.51
C LEU C 233 -18.59 6.46 -21.67
N GLU C 234 -18.15 6.90 -22.84
CA GLU C 234 -18.12 6.06 -24.04
C GLU C 234 -17.29 4.80 -23.82
N ALA C 235 -16.14 4.94 -23.16
CA ALA C 235 -15.31 3.78 -22.91
C ALA C 235 -15.99 2.78 -21.96
N GLY C 236 -16.79 3.26 -21.03
CA GLY C 236 -17.43 2.38 -20.05
C GLY C 236 -18.51 1.60 -20.75
N GLN C 237 -19.33 2.30 -21.53
CA GLN C 237 -20.40 1.65 -22.27
C GLN C 237 -19.82 0.47 -23.08
N PHE C 238 -18.70 0.74 -23.74
CA PHE C 238 -18.08 -0.16 -24.65
C PHE C 238 -17.73 -1.47 -24.01
N ILE C 239 -16.95 -1.35 -22.91
CA ILE C 239 -16.44 -2.48 -22.18
C ILE C 239 -17.66 -3.20 -21.64
N ALA C 240 -18.56 -2.48 -20.99
CA ALA C 240 -19.77 -3.03 -20.48
C ALA C 240 -20.49 -3.89 -21.53
N THR C 241 -20.65 -3.35 -22.74
CA THR C 241 -21.31 -4.11 -23.81
C THR C 241 -20.60 -5.41 -24.14
N LEU C 242 -19.27 -5.40 -24.21
CA LEU C 242 -18.53 -6.62 -24.54
C LEU C 242 -18.71 -7.60 -23.38
N GLU C 243 -18.50 -7.12 -22.15
CA GLU C 243 -18.52 -8.01 -20.99
C GLU C 243 -19.87 -8.67 -20.75
N ASN C 244 -20.95 -7.87 -20.81
CA ASN C 244 -22.29 -8.42 -20.68
C ASN C 244 -22.71 -9.34 -21.82
N ARG C 245 -22.09 -9.14 -22.98
CA ARG C 245 -22.32 -9.99 -24.14
C ARG C 245 -21.63 -11.34 -23.92
N GLN C 246 -20.41 -11.30 -23.41
CA GLN C 246 -19.52 -12.48 -23.46
C GLN C 246 -19.56 -13.31 -22.23
N GLY C 247 -19.80 -12.67 -21.09
CA GLY C 247 -19.66 -13.33 -19.82
C GLY C 247 -18.18 -13.40 -19.56
N LEU C 248 -17.39 -12.62 -20.33
CA LEU C 248 -15.95 -12.52 -20.16
C LEU C 248 -15.53 -11.09 -19.87
N LYS C 249 -14.43 -10.97 -19.15
CA LYS C 249 -13.94 -9.68 -18.81
C LYS C 249 -12.85 -9.22 -19.79
N VAL C 250 -12.71 -7.89 -19.91
CA VAL C 250 -11.58 -7.24 -20.55
C VAL C 250 -10.66 -6.61 -19.45
N ALA C 251 -9.37 -6.90 -19.52
CA ALA C 251 -8.36 -6.33 -18.62
C ALA C 251 -8.62 -6.71 -17.21
N CYS C 252 -8.84 -8.02 -16.99
CA CYS C 252 -8.83 -8.57 -15.68
C CYS C 252 -7.38 -9.02 -15.43
N PRO C 253 -6.64 -8.29 -14.58
CA PRO C 253 -5.22 -8.66 -14.33
C PRO C 253 -5.05 -10.10 -13.71
N GLU C 254 -5.93 -10.45 -12.82
CA GLU C 254 -5.88 -11.77 -12.19
C GLU C 254 -5.97 -12.89 -13.21
N GLU C 255 -6.99 -12.82 -14.07
CA GLU C 255 -7.16 -13.74 -15.19
C GLU C 255 -5.94 -13.76 -16.10
N ILE C 256 -5.44 -12.59 -16.49
CA ILE C 256 -4.30 -12.57 -17.34
C ILE C 256 -3.07 -13.26 -16.74
N ALA C 257 -2.67 -12.87 -15.53
CA ALA C 257 -1.64 -13.59 -14.78
C ALA C 257 -1.92 -15.08 -14.71
N TYR C 258 -3.16 -15.45 -14.47
CA TYR C 258 -3.49 -16.88 -14.50
C TYR C 258 -3.18 -17.44 -15.90
N ARG C 259 -3.61 -16.79 -16.96
CA ARG C 259 -3.32 -17.36 -18.29
C ARG C 259 -1.83 -17.25 -18.67
N GLN C 260 -1.13 -16.24 -18.12
CA GLN C 260 0.33 -16.18 -18.37
C GLN C 260 1.16 -17.27 -17.65
N LYS C 261 0.50 -18.00 -16.75
CA LYS C 261 1.14 -19.02 -15.91
C LYS C 261 2.00 -18.38 -14.81
N TRP C 262 1.66 -17.16 -14.40
CA TRP C 262 2.45 -16.42 -13.40
C TRP C 262 1.90 -16.66 -12.03
N ILE C 263 0.64 -17.02 -11.95
CA ILE C 263 0.08 -17.56 -10.73
C ILE C 263 -0.67 -18.84 -11.12
N ASP C 264 -0.94 -19.65 -10.12
CA ASP C 264 -1.52 -20.96 -10.32
C ASP C 264 -2.94 -20.97 -9.79
N ALA C 265 -3.62 -22.09 -9.96
CA ALA C 265 -5.04 -22.16 -9.62
C ALA C 265 -5.32 -21.97 -8.12
N ALA C 266 -4.39 -22.39 -7.27
CA ALA C 266 -4.55 -22.15 -5.82
C ALA C 266 -4.43 -20.65 -5.49
N GLN C 267 -3.47 -19.96 -6.12
CA GLN C 267 -3.31 -18.52 -5.85
C GLN C 267 -4.54 -17.72 -6.31
N LEU C 268 -5.03 -18.04 -7.52
CA LEU C 268 -6.28 -17.47 -8.06
C LEU C 268 -7.48 -17.66 -7.13
N GLU C 269 -7.69 -18.87 -6.66
CA GLU C 269 -8.80 -19.17 -5.74
C GLU C 269 -8.68 -18.26 -4.53
N LYS C 270 -7.45 -18.03 -4.07
CA LYS C 270 -7.19 -17.23 -2.87
C LYS C 270 -7.50 -15.75 -3.09
N LEU C 271 -7.11 -15.20 -4.24
CA LEU C 271 -7.56 -13.85 -4.64
C LEU C 271 -9.06 -13.75 -4.82
N ALA C 272 -9.71 -14.86 -5.18
CA ALA C 272 -11.18 -14.88 -5.34
C ALA C 272 -11.94 -14.88 -4.00
N ALA C 273 -11.39 -15.57 -3.00
CA ALA C 273 -11.96 -15.67 -1.64
C ALA C 273 -12.57 -14.40 -1.05
N PRO C 274 -11.82 -13.28 -1.05
CA PRO C 274 -12.34 -12.02 -0.47
C PRO C 274 -13.44 -11.32 -1.26
N LEU C 275 -13.60 -11.71 -2.52
CA LEU C 275 -14.48 -11.04 -3.46
C LEU C 275 -15.63 -11.93 -3.90
N ALA C 276 -15.90 -12.97 -3.09
CA ALA C 276 -16.86 -14.02 -3.46
C ALA C 276 -18.29 -13.52 -3.59
N LYS C 277 -18.62 -12.47 -2.84
CA LYS C 277 -19.99 -11.93 -2.79
C LYS C 277 -20.39 -11.12 -4.02
N ASN C 278 -19.40 -10.54 -4.70
CA ASN C 278 -19.68 -9.74 -5.90
C ASN C 278 -19.36 -10.49 -7.17
N GLY C 279 -19.85 -9.96 -8.29
CA GLY C 279 -19.66 -10.54 -9.63
C GLY C 279 -18.22 -10.76 -10.06
N TYR C 280 -17.29 -9.97 -9.53
CA TYR C 280 -15.84 -10.05 -9.91
C TYR C 280 -15.14 -11.29 -9.30
N GLY C 281 -15.33 -11.49 -8.00
CA GLY C 281 -14.80 -12.68 -7.31
C GLY C 281 -15.47 -13.94 -7.82
N GLN C 282 -16.74 -13.85 -8.22
CA GLN C 282 -17.46 -15.01 -8.76
C GLN C 282 -16.91 -15.34 -10.14
N TYR C 283 -16.52 -14.29 -10.88
CA TYR C 283 -15.88 -14.45 -12.18
C TYR C 283 -14.51 -15.15 -12.13
N LEU C 284 -13.70 -14.84 -11.10
CA LEU C 284 -12.39 -15.45 -10.91
C LEU C 284 -12.51 -16.92 -10.45
N LYS C 285 -13.54 -17.20 -9.66
CA LYS C 285 -13.86 -18.58 -9.30
C LYS C 285 -14.29 -19.39 -10.56
N ARG C 286 -15.18 -18.84 -11.38
CA ARG C 286 -15.54 -19.55 -12.62
C ARG C 286 -14.34 -19.85 -13.52
N LEU C 287 -13.29 -19.02 -13.49
CA LEU C 287 -12.13 -19.25 -14.37
C LEU C 287 -11.31 -20.45 -13.95
N LEU C 288 -11.49 -20.92 -12.72
CA LEU C 288 -10.85 -22.13 -12.25
C LEU C 288 -11.38 -23.38 -12.97
N THR C 289 -12.65 -23.35 -13.38
CA THR C 289 -13.36 -24.52 -13.95
C THR C 289 -14.11 -24.25 -15.26
N GLU C 290 -13.71 -23.24 -16.00
CA GLU C 290 -14.17 -23.18 -17.36
C GLU C 290 -12.99 -23.26 -18.24
N THR C 291 -13.17 -23.87 -19.41
CA THR C 291 -12.16 -23.78 -20.46
C THR C 291 -12.63 -22.67 -21.36
N VAL C 292 -11.78 -21.66 -21.51
CA VAL C 292 -12.08 -20.51 -22.36
C VAL C 292 -11.01 -20.47 -23.41
N TYR C 293 -11.41 -20.55 -24.68
CA TYR C 293 -10.46 -20.58 -25.77
C TYR C 293 -9.99 -19.14 -26.04
N ARG D 3 -34.31 23.20 9.76
CA ARG D 3 -34.31 21.77 9.40
C ARG D 3 -32.90 21.35 9.05
N LYS D 4 -32.33 20.43 9.83
CA LYS D 4 -30.95 19.95 9.58
C LYS D 4 -30.98 18.79 8.59
N GLY D 5 -29.88 18.59 7.87
CA GLY D 5 -29.79 17.57 6.83
C GLY D 5 -28.71 16.54 7.10
N ILE D 6 -28.89 15.35 6.55
CA ILE D 6 -27.94 14.29 6.71
C ILE D 6 -27.81 13.54 5.41
N ILE D 7 -26.58 13.33 4.97
CA ILE D 7 -26.33 12.47 3.83
C ILE D 7 -25.76 11.18 4.32
N LEU D 8 -26.35 10.07 3.91
CA LEU D 8 -25.82 8.74 4.20
C LEU D 8 -25.03 8.19 3.00
N ALA D 9 -23.71 8.27 3.11
CA ALA D 9 -22.78 7.78 2.11
C ALA D 9 -22.18 6.52 2.69
N GLY D 10 -23.00 5.47 2.78
CA GLY D 10 -22.66 4.26 3.54
C GLY D 10 -21.74 3.32 2.82
N GLY D 11 -21.37 2.23 3.51
CA GLY D 11 -20.53 1.19 2.93
C GLY D 11 -21.31 0.43 1.87
N SER D 12 -20.69 0.20 0.72
CA SER D 12 -21.26 -0.71 -0.27
C SER D 12 -20.53 -2.04 -0.18
N GLY D 13 -19.90 -2.28 0.97
CA GLY D 13 -19.08 -3.46 1.19
C GLY D 13 -18.11 -3.77 0.04
N THR D 14 -18.23 -4.99 -0.47
CA THR D 14 -17.39 -5.51 -1.52
C THR D 14 -18.11 -5.35 -2.90
N ARG D 15 -19.35 -4.90 -2.87
CA ARG D 15 -20.25 -5.03 -4.01
C ARG D 15 -19.71 -4.42 -5.32
N LEU D 16 -19.01 -3.29 -5.24
CA LEU D 16 -18.53 -2.61 -6.45
C LEU D 16 -17.05 -2.76 -6.67
N HIS D 17 -16.39 -3.61 -5.89
CA HIS D 17 -14.98 -3.87 -6.14
C HIS D 17 -14.82 -4.37 -7.53
N PRO D 18 -13.66 -4.13 -8.16
CA PRO D 18 -12.49 -3.38 -7.70
C PRO D 18 -12.51 -1.86 -7.92
N ALA D 19 -13.52 -1.32 -8.61
CA ALA D 19 -13.60 0.13 -8.79
C ALA D 19 -13.58 0.84 -7.44
N THR D 20 -14.16 0.22 -6.41
CA THR D 20 -14.16 0.81 -5.04
C THR D 20 -13.10 0.30 -4.06
N LEU D 21 -12.11 -0.46 -4.52
CA LEU D 21 -10.98 -0.84 -3.64
C LEU D 21 -10.17 0.39 -3.32
N ALA D 22 -9.85 1.12 -4.39
CA ALA D 22 -9.22 2.42 -4.30
C ALA D 22 -10.07 3.40 -3.47
N ILE D 23 -11.27 3.70 -3.97
CA ILE D 23 -12.00 4.90 -3.54
C ILE D 23 -13.49 4.70 -3.29
N SER D 24 -13.97 5.38 -2.25
CA SER D 24 -15.38 5.42 -1.88
C SER D 24 -16.38 5.52 -3.04
N LYS D 25 -17.43 4.71 -2.94
CA LYS D 25 -18.53 4.69 -3.91
C LYS D 25 -19.06 6.08 -4.19
N GLN D 26 -19.32 6.85 -3.13
CA GLN D 26 -19.94 8.18 -3.27
C GLN D 26 -18.98 9.30 -3.74
N LEU D 27 -17.74 8.91 -4.08
CA LEU D 27 -16.73 9.76 -4.71
C LEU D 27 -16.54 9.45 -6.19
N LEU D 28 -17.08 8.31 -6.62
CA LEU D 28 -17.09 7.97 -8.02
C LEU D 28 -17.89 8.98 -8.80
N PRO D 29 -17.36 9.41 -9.94
CA PRO D 29 -18.11 10.37 -10.73
C PRO D 29 -19.39 9.78 -11.39
N VAL D 30 -20.42 10.62 -11.43
CA VAL D 30 -21.57 10.47 -12.32
C VAL D 30 -21.40 11.58 -13.36
N TYR D 31 -21.05 11.15 -14.58
CA TYR D 31 -20.59 11.98 -15.68
C TYR D 31 -19.42 12.90 -15.29
N ASP D 32 -19.71 14.12 -14.83
CA ASP D 32 -18.69 15.16 -14.68
C ASP D 32 -18.47 15.56 -13.21
N LYS D 33 -19.19 14.96 -12.30
CA LYS D 33 -19.06 15.34 -10.93
C LYS D 33 -19.21 14.13 -10.00
N PRO D 34 -18.59 14.20 -8.82
CA PRO D 34 -18.67 13.17 -7.81
C PRO D 34 -20.11 12.83 -7.33
N MET D 35 -20.45 11.54 -7.32
CA MET D 35 -21.78 11.09 -6.90
C MET D 35 -22.40 11.92 -5.80
N ILE D 36 -21.65 12.17 -4.73
CA ILE D 36 -22.22 12.88 -3.59
C ILE D 36 -22.58 14.34 -3.87
N TYR D 37 -22.08 14.94 -4.94
CA TYR D 37 -22.58 16.27 -5.33
C TYR D 37 -24.12 16.35 -5.53
N TYR D 38 -24.73 15.25 -5.96
CA TYR D 38 -26.15 15.26 -6.31
C TYR D 38 -27.10 15.21 -5.07
N PRO D 39 -26.86 14.30 -4.13
CA PRO D 39 -27.61 14.38 -2.86
C PRO D 39 -27.35 15.63 -2.03
N LEU D 40 -26.12 16.10 -1.99
CA LEU D 40 -25.80 17.42 -1.43
C LEU D 40 -26.61 18.49 -2.12
N SER D 41 -26.63 18.45 -3.44
CA SER D 41 -27.38 19.42 -4.22
C SER D 41 -28.84 19.30 -3.92
N THR D 42 -29.30 18.09 -3.65
CA THR D 42 -30.71 17.84 -3.30
C THR D 42 -31.12 18.51 -2.01
N LEU D 43 -30.29 18.37 -0.99
CA LEU D 43 -30.50 19.02 0.30
C LEU D 43 -30.42 20.56 0.17
N MET D 44 -29.46 21.06 -0.61
CA MET D 44 -29.36 22.52 -0.89
C MET D 44 -30.64 23.04 -1.53
N LEU D 45 -31.13 22.32 -2.53
CA LEU D 45 -32.39 22.71 -3.17
C LEU D 45 -33.50 22.86 -2.14
N ALA D 46 -33.60 21.94 -1.17
CA ALA D 46 -34.65 22.01 -0.12
C ALA D 46 -34.40 23.11 0.91
N GLY D 47 -33.38 23.92 0.67
CA GLY D 47 -33.08 25.01 1.57
C GLY D 47 -32.31 24.59 2.80
N ILE D 48 -31.57 23.48 2.73
CA ILE D 48 -30.83 22.99 3.90
C ILE D 48 -29.35 23.32 3.79
N ARG D 49 -28.85 24.03 4.77
CA ARG D 49 -27.48 24.48 4.76
C ARG D 49 -26.65 23.72 5.78
N GLU D 50 -27.28 23.20 6.82
CA GLU D 50 -26.54 22.56 7.89
C GLU D 50 -26.69 21.08 7.70
N ILE D 51 -25.59 20.44 7.32
CA ILE D 51 -25.63 19.05 6.83
C ILE D 51 -24.54 18.14 7.37
N LEU D 52 -24.96 17.00 7.92
CA LEU D 52 -24.05 15.95 8.39
C LEU D 52 -23.87 14.88 7.32
N ILE D 53 -22.62 14.54 7.03
CA ILE D 53 -22.27 13.46 6.08
C ILE D 53 -21.74 12.28 6.88
N ILE D 54 -22.43 11.15 6.78
CA ILE D 54 -22.10 9.93 7.51
C ILE D 54 -21.57 8.88 6.56
N SER D 55 -20.36 8.40 6.81
CA SER D 55 -19.82 7.27 6.03
C SER D 55 -19.00 6.27 6.87
N THR D 56 -18.24 5.42 6.19
CA THR D 56 -17.40 4.45 6.82
C THR D 56 -16.24 5.19 7.48
N PRO D 57 -15.57 4.51 8.42
CA PRO D 57 -14.38 5.14 8.99
C PRO D 57 -13.33 5.43 7.91
N GLN D 58 -13.22 4.57 6.91
CA GLN D 58 -12.26 4.84 5.83
C GLN D 58 -12.72 5.99 4.92
N ASP D 59 -14.00 6.09 4.63
CA ASP D 59 -14.44 7.08 3.66
C ASP D 59 -14.68 8.50 4.19
N THR D 60 -15.14 8.65 5.43
CA THR D 60 -15.45 9.96 5.99
C THR D 60 -14.33 10.99 5.91
N PRO D 61 -13.10 10.61 6.31
CA PRO D 61 -12.04 11.62 6.13
C PRO D 61 -11.94 12.06 4.71
N ARG D 62 -12.26 11.17 3.77
CA ARG D 62 -12.07 11.46 2.34
C ARG D 62 -13.14 12.45 1.88
N PHE D 63 -14.33 12.31 2.39
CA PHE D 63 -15.37 13.33 2.15
C PHE D 63 -14.95 14.67 2.78
N GLN D 64 -14.49 14.59 4.02
CA GLN D 64 -14.05 15.75 4.78
C GLN D 64 -12.95 16.50 4.00
N GLN D 65 -12.01 15.72 3.52
CA GLN D 65 -10.86 16.24 2.84
C GLN D 65 -11.25 16.96 1.54
N LEU D 66 -12.20 16.37 0.78
CA LEU D 66 -12.77 16.94 -0.46
C LEU D 66 -13.61 18.17 -0.23
N LEU D 67 -14.52 18.10 0.77
CA LEU D 67 -15.57 19.13 0.94
C LEU D 67 -15.27 20.16 2.05
N GLY D 68 -14.48 19.74 3.05
CA GLY D 68 -14.21 20.60 4.18
C GLY D 68 -15.47 20.87 5.00
N ASP D 69 -15.51 22.04 5.64
CA ASP D 69 -16.65 22.45 6.45
C ASP D 69 -17.80 23.10 5.62
N GLY D 70 -17.60 23.32 4.33
CA GLY D 70 -18.66 23.85 3.43
C GLY D 70 -18.68 25.36 3.25
N SER D 71 -17.89 26.05 4.06
CA SER D 71 -17.82 27.49 4.09
C SER D 71 -17.60 28.14 2.70
N ASN D 72 -16.82 27.51 1.83
CA ASN D 72 -16.67 28.03 0.47
C ASN D 72 -18.02 28.07 -0.31
N TRP D 73 -19.03 27.30 0.14
CA TRP D 73 -20.35 27.24 -0.52
C TRP D 73 -21.53 27.70 0.30
N GLY D 74 -21.29 28.39 1.42
CA GLY D 74 -22.38 28.82 2.26
C GLY D 74 -22.95 27.69 3.12
N LEU D 75 -22.25 26.56 3.22
CA LEU D 75 -22.72 25.50 4.08
C LEU D 75 -21.90 25.47 5.36
N ASP D 76 -22.48 24.84 6.39
CA ASP D 76 -21.74 24.32 7.50
C ASP D 76 -21.90 22.79 7.47
N LEU D 77 -20.85 22.11 7.01
CA LEU D 77 -20.82 20.65 6.97
C LEU D 77 -20.18 20.07 8.23
N GLN D 78 -20.81 19.07 8.86
CA GLN D 78 -20.16 18.27 9.91
C GLN D 78 -20.14 16.78 9.53
N TYR D 79 -19.15 16.05 10.05
CA TYR D 79 -18.90 14.66 9.61
C TYR D 79 -18.99 13.66 10.75
N ALA D 80 -19.49 12.48 10.43
CA ALA D 80 -19.61 11.40 11.41
C ALA D 80 -19.44 10.06 10.74
N VAL D 81 -19.01 9.07 11.52
CA VAL D 81 -18.63 7.77 11.02
C VAL D 81 -19.60 6.69 11.50
N GLN D 82 -20.07 5.84 10.58
CA GLN D 82 -20.79 4.61 10.93
C GLN D 82 -19.85 3.41 10.81
N PRO D 83 -19.41 2.82 11.97
CA PRO D 83 -18.46 1.69 12.07
C PRO D 83 -18.85 0.39 11.36
N SER D 84 -20.14 0.16 11.20
CA SER D 84 -20.64 -1.05 10.60
C SER D 84 -21.91 -0.71 9.83
N PRO D 85 -22.10 -1.31 8.64
CA PRO D 85 -23.35 -1.10 7.90
C PRO D 85 -24.51 -1.87 8.53
N ASP D 86 -25.04 -1.34 9.64
CA ASP D 86 -26.11 -2.00 10.39
C ASP D 86 -27.44 -1.27 10.23
N GLY D 87 -27.69 -0.70 9.05
CA GLY D 87 -28.99 -0.10 8.76
C GLY D 87 -28.98 1.41 8.70
N LEU D 88 -29.81 1.93 7.80
CA LEU D 88 -29.89 3.35 7.49
C LEU D 88 -30.50 4.20 8.64
N ALA D 89 -31.38 3.58 9.43
CA ALA D 89 -32.03 4.26 10.56
C ALA D 89 -31.01 4.57 11.67
N GLN D 90 -29.87 3.87 11.62
CA GLN D 90 -28.77 4.19 12.49
C GLN D 90 -28.28 5.62 12.27
N ALA D 91 -28.65 6.25 11.16
CA ALA D 91 -28.24 7.62 10.93
C ALA D 91 -28.73 8.55 12.04
N PHE D 92 -29.95 8.32 12.53
CA PHE D 92 -30.52 9.18 13.56
C PHE D 92 -29.91 8.97 14.97
N LEU D 93 -29.24 7.84 15.17
CA LEU D 93 -28.49 7.57 16.41
C LEU D 93 -27.11 8.22 16.39
N ILE D 94 -26.35 7.96 15.32
CA ILE D 94 -25.06 8.62 15.08
C ILE D 94 -25.30 10.14 15.02
N GLY D 95 -26.41 10.53 14.38
CA GLY D 95 -26.71 11.94 14.13
C GLY D 95 -27.52 12.56 15.22
N GLU D 96 -27.74 11.84 16.32
CA GLU D 96 -28.64 12.35 17.35
C GLU D 96 -28.28 13.72 17.94
N SER D 97 -27.01 13.94 18.28
CA SER D 97 -26.61 15.24 18.86
C SER D 97 -26.55 16.33 17.79
N PHE D 98 -26.10 15.99 16.57
CA PHE D 98 -26.26 16.87 15.40
C PHE D 98 -27.68 17.41 15.27
N ILE D 99 -28.64 16.49 15.24
CA ILE D 99 -30.05 16.82 15.07
C ILE D 99 -30.57 17.74 16.16
N GLY D 100 -30.07 17.58 17.38
CA GLY D 100 -30.59 18.34 18.51
C GLY D 100 -32.09 18.19 18.58
N ASN D 101 -32.77 19.33 18.79
CA ASN D 101 -34.22 19.36 18.92
C ASN D 101 -34.91 19.84 17.63
N ASP D 102 -34.18 19.77 16.50
CA ASP D 102 -34.60 20.38 15.23
C ASP D 102 -35.20 19.37 14.26
N LEU D 103 -35.84 19.92 13.24
CA LEU D 103 -36.40 19.13 12.16
C LEU D 103 -35.25 18.55 11.35
N SER D 104 -35.49 17.46 10.63
CA SER D 104 -34.40 16.83 9.88
C SER D 104 -34.83 16.40 8.49
N ALA D 105 -33.83 16.11 7.65
CA ALA D 105 -34.05 15.39 6.41
C ALA D 105 -32.85 14.53 6.10
N LEU D 106 -33.09 13.40 5.43
CA LEU D 106 -32.07 12.42 5.16
C LEU D 106 -32.15 12.01 3.72
N VAL D 107 -31.00 11.89 3.07
CA VAL D 107 -30.94 11.53 1.67
C VAL D 107 -29.85 10.47 1.51
N LEU D 108 -30.05 9.50 0.63
CA LEU D 108 -29.00 8.50 0.38
C LEU D 108 -27.97 9.00 -0.62
N GLY D 109 -26.72 8.68 -0.30
CA GLY D 109 -25.55 9.29 -0.91
C GLY D 109 -25.37 8.93 -2.36
N ASP D 110 -26.10 7.90 -2.78
CA ASP D 110 -26.03 7.40 -4.13
C ASP D 110 -27.35 7.54 -4.97
N ASN D 111 -28.32 8.32 -4.50
CA ASN D 111 -29.54 8.58 -5.28
C ASN D 111 -29.43 9.89 -6.06
N LEU D 112 -29.90 9.87 -7.30
CA LEU D 112 -29.91 11.03 -8.17
C LEU D 112 -31.37 11.40 -8.40
N TYR D 113 -31.68 12.70 -8.42
CA TYR D 113 -33.02 13.19 -8.78
C TYR D 113 -32.96 14.28 -9.86
N TYR D 114 -34.03 14.34 -10.69
CA TYR D 114 -34.20 15.37 -11.69
C TYR D 114 -35.64 15.66 -12.02
N GLY D 115 -36.05 16.92 -11.92
CA GLY D 115 -37.32 17.32 -12.51
C GLY D 115 -37.76 18.76 -12.34
N HIS D 116 -38.77 19.11 -13.14
CA HIS D 116 -39.31 20.43 -13.18
C HIS D 116 -40.02 20.68 -11.91
N ASP D 117 -39.82 21.89 -11.38
CA ASP D 117 -40.35 22.24 -10.08
C ASP D 117 -39.93 21.31 -8.93
N PHE D 118 -38.75 20.70 -9.03
CA PHE D 118 -38.23 19.88 -7.93
C PHE D 118 -38.17 20.71 -6.66
N HIS D 119 -37.62 21.92 -6.80
CA HIS D 119 -37.54 22.93 -5.75
C HIS D 119 -38.80 23.04 -4.97
N GLU D 120 -39.95 23.04 -5.66
CA GLU D 120 -41.27 23.21 -5.05
C GLU D 120 -41.73 21.94 -4.32
N LEU D 121 -41.48 20.79 -4.91
CA LEU D 121 -41.85 19.51 -4.27
C LEU D 121 -41.04 19.30 -3.00
N LEU D 122 -39.81 19.79 -2.99
CA LEU D 122 -38.98 19.70 -1.78
C LEU D 122 -39.40 20.75 -0.72
N GLY D 123 -39.65 21.98 -1.17
CA GLY D 123 -40.14 23.07 -0.32
C GLY D 123 -41.43 22.75 0.43
N SER D 124 -42.40 22.21 -0.27
CA SER D 124 -43.65 21.80 0.36
C SER D 124 -43.45 20.63 1.36
N ALA D 125 -42.63 19.64 1.03
CA ALA D 125 -42.30 18.62 2.01
C ALA D 125 -41.67 19.27 3.25
N SER D 126 -40.76 20.20 2.99
CA SER D 126 -39.96 20.81 4.04
C SER D 126 -40.85 21.63 4.97
N GLN D 127 -41.97 22.14 4.43
CA GLN D 127 -42.88 23.01 5.18
C GLN D 127 -43.79 22.31 6.19
N ARG D 128 -44.08 21.02 5.95
CA ARG D 128 -44.79 20.22 6.93
C ARG D 128 -43.85 20.01 8.10
N GLN D 129 -44.12 20.70 9.19
CA GLN D 129 -43.25 20.70 10.37
C GLN D 129 -43.66 19.65 11.41
N THR D 130 -44.71 18.89 11.10
CA THR D 130 -45.15 17.79 11.95
C THR D 130 -45.13 16.52 11.12
N GLY D 131 -44.93 15.41 11.82
CA GLY D 131 -44.91 14.09 11.21
C GLY D 131 -43.70 13.89 10.31
N ALA D 132 -43.90 13.02 9.32
CA ALA D 132 -42.87 12.58 8.39
C ALA D 132 -43.33 12.78 6.96
N SER D 133 -42.39 13.08 6.07
CA SER D 133 -42.67 13.11 4.63
C SER D 133 -41.66 12.29 3.81
N VAL D 134 -42.21 11.40 2.95
CA VAL D 134 -41.47 10.59 1.99
C VAL D 134 -42.15 10.64 0.61
N PHE D 135 -41.47 10.11 -0.41
CA PHE D 135 -42.02 10.15 -1.76
C PHE D 135 -42.04 8.70 -2.31
N ALA D 136 -43.12 8.40 -3.04
CA ALA D 136 -43.32 7.15 -3.72
C ALA D 136 -43.25 7.34 -5.26
N TYR D 137 -42.56 6.42 -5.90
CA TYR D 137 -42.24 6.54 -7.30
C TYR D 137 -42.47 5.14 -7.88
N HIS D 138 -43.11 5.10 -9.03
CA HIS D 138 -43.44 3.88 -9.71
C HIS D 138 -42.18 3.36 -10.30
N VAL D 139 -41.94 2.07 -10.12
CA VAL D 139 -40.74 1.45 -10.62
C VAL D 139 -41.08 0.13 -11.27
N LEU D 140 -40.13 -0.41 -12.04
CA LEU D 140 -40.26 -1.75 -12.57
C LEU D 140 -39.91 -2.81 -11.52
N ASP D 141 -39.04 -2.47 -10.56
CA ASP D 141 -38.54 -3.45 -9.59
C ASP D 141 -38.86 -3.11 -8.15
N PRO D 142 -40.15 -3.14 -7.77
CA PRO D 142 -40.44 -2.66 -6.44
C PRO D 142 -39.77 -3.47 -5.29
N GLU D 143 -39.44 -4.75 -5.56
CA GLU D 143 -38.78 -5.69 -4.60
C GLU D 143 -37.48 -5.18 -4.04
N ARG D 144 -36.88 -4.22 -4.71
CA ARG D 144 -35.57 -3.74 -4.35
C ARG D 144 -35.64 -2.67 -3.29
N TYR D 145 -36.84 -2.26 -2.91
CA TYR D 145 -37.05 -1.10 -2.07
C TYR D 145 -38.16 -1.39 -1.14
N GLY D 146 -38.33 -0.46 -0.19
CA GLY D 146 -39.55 -0.29 0.59
C GLY D 146 -40.75 0.13 -0.27
N VAL D 147 -41.77 -0.72 -0.28
CA VAL D 147 -42.92 -0.56 -1.14
C VAL D 147 -44.09 -0.01 -0.33
N VAL D 148 -44.68 1.10 -0.78
CA VAL D 148 -45.89 1.60 -0.17
C VAL D 148 -47.12 1.06 -0.93
N GLU D 149 -48.15 0.69 -0.16
CA GLU D 149 -49.45 0.23 -0.64
C GLU D 149 -50.51 1.28 -0.34
N PHE D 150 -51.39 1.53 -1.32
CA PHE D 150 -52.48 2.51 -1.17
C PHE D 150 -53.85 1.83 -1.29
N ASP D 151 -54.83 2.38 -0.59
CA ASP D 151 -56.22 1.90 -0.71
C ASP D 151 -56.87 2.52 -1.95
N GLN D 152 -58.11 2.14 -2.23
CA GLN D 152 -58.78 2.62 -3.44
C GLN D 152 -58.77 4.15 -3.56
N GLY D 153 -58.78 4.86 -2.43
CA GLY D 153 -58.83 6.33 -2.45
C GLY D 153 -57.51 7.07 -2.55
N GLY D 154 -56.39 6.34 -2.72
CA GLY D 154 -55.07 6.96 -2.80
C GLY D 154 -54.34 7.16 -1.47
N LYS D 155 -54.82 6.53 -0.41
CA LYS D 155 -54.21 6.68 0.95
C LYS D 155 -53.30 5.53 1.37
N ALA D 156 -52.07 5.87 1.73
CA ALA D 156 -51.07 4.90 2.14
C ALA D 156 -51.60 4.07 3.30
N ILE D 157 -51.58 2.74 3.14
CA ILE D 157 -52.08 1.82 4.16
C ILE D 157 -51.02 0.86 4.69
N SER D 158 -50.02 0.50 3.88
CA SER D 158 -48.95 -0.40 4.35
C SER D 158 -47.60 -0.17 3.70
N LEU D 159 -46.54 -0.56 4.41
CA LEU D 159 -45.15 -0.40 3.96
C LEU D 159 -44.38 -1.67 4.19
N GLU D 160 -43.63 -2.08 3.19
CA GLU D 160 -42.90 -3.33 3.27
C GLU D 160 -41.56 -3.19 2.62
N GLU D 161 -40.54 -3.65 3.34
CA GLU D 161 -39.15 -3.59 2.92
C GLU D 161 -38.74 -4.79 2.07
N LYS D 162 -38.39 -4.53 0.81
CA LYS D 162 -37.96 -5.56 -0.13
C LYS D 162 -38.82 -6.83 -0.11
N PRO D 163 -40.14 -6.67 -0.22
CA PRO D 163 -41.03 -7.85 -0.12
C PRO D 163 -40.86 -8.81 -1.28
N LEU D 164 -40.89 -10.11 -0.99
CA LEU D 164 -40.93 -11.15 -2.03
C LEU D 164 -42.17 -10.98 -2.96
N GLU D 165 -43.26 -10.49 -2.37
CA GLU D 165 -44.54 -10.35 -3.07
C GLU D 165 -45.06 -8.90 -2.94
N PRO D 166 -44.43 -7.96 -3.67
CA PRO D 166 -44.77 -6.54 -3.48
C PRO D 166 -46.25 -6.20 -3.79
N LYS D 167 -46.83 -5.30 -3.02
CA LYS D 167 -48.27 -4.98 -3.15
C LYS D 167 -48.55 -3.95 -4.26
N SER D 168 -47.54 -3.21 -4.68
CA SER D 168 -47.67 -2.16 -5.70
C SER D 168 -46.31 -1.95 -6.28
N ASN D 169 -46.24 -1.09 -7.28
CA ASN D 169 -45.00 -0.78 -7.94
C ASN D 169 -44.51 0.56 -7.46
N TYR D 170 -44.96 0.95 -6.27
CA TYR D 170 -44.61 2.26 -5.75
C TYR D 170 -43.53 2.09 -4.71
N ALA D 171 -42.37 2.67 -4.99
CA ALA D 171 -41.16 2.55 -4.16
C ALA D 171 -40.91 3.83 -3.40
N VAL D 172 -40.52 3.77 -2.13
CA VAL D 172 -40.22 4.98 -1.36
C VAL D 172 -38.83 5.41 -1.76
N THR D 173 -38.68 6.63 -2.26
CA THR D 173 -37.36 7.13 -2.71
C THR D 173 -36.44 7.41 -1.52
N GLY D 174 -35.16 7.57 -1.81
CA GLY D 174 -34.12 7.70 -0.79
C GLY D 174 -33.96 9.11 -0.28
N LEU D 175 -35.09 9.70 0.10
CA LEU D 175 -35.13 11.05 0.59
C LEU D 175 -36.29 11.14 1.59
N TYR D 176 -35.98 11.51 2.83
CA TYR D 176 -36.96 11.45 3.90
C TYR D 176 -36.97 12.71 4.75
N PHE D 177 -38.15 13.20 5.12
CA PHE D 177 -38.26 14.40 5.99
C PHE D 177 -38.90 14.01 7.29
N TYR D 178 -38.35 14.51 8.40
CA TYR D 178 -38.78 14.09 9.73
C TYR D 178 -38.98 15.22 10.72
N ASP D 179 -39.93 15.05 11.64
CA ASP D 179 -40.11 15.99 12.77
C ASP D 179 -39.15 15.65 13.91
N GLN D 180 -39.42 16.26 15.07
CA GLN D 180 -38.67 16.00 16.31
C GLN D 180 -38.84 14.61 16.93
N GLN D 181 -39.71 13.76 16.40
CA GLN D 181 -39.90 12.43 16.97
C GLN D 181 -38.90 11.37 16.48
N VAL D 182 -38.20 11.64 15.38
CA VAL D 182 -37.51 10.55 14.67
C VAL D 182 -36.37 9.89 15.51
N VAL D 183 -35.56 10.67 16.18
CA VAL D 183 -34.53 10.12 17.10
C VAL D 183 -35.05 9.09 18.13
N ASP D 184 -36.12 9.42 18.83
CA ASP D 184 -36.70 8.49 19.83
C ASP D 184 -37.35 7.24 19.24
N ILE D 185 -37.97 7.38 18.06
CA ILE D 185 -38.54 6.24 17.40
C ILE D 185 -37.41 5.31 17.03
N ALA D 186 -36.33 5.91 16.52
CA ALA D 186 -35.17 5.16 16.05
C ALA D 186 -34.52 4.36 17.21
N ARG D 187 -34.41 4.99 18.38
CA ARG D 187 -33.87 4.34 19.58
C ARG D 187 -34.73 3.16 20.02
N ASP D 188 -36.04 3.22 19.75
CA ASP D 188 -36.94 2.14 20.19
C ASP D 188 -37.12 1.00 19.22
N LEU D 189 -36.33 0.98 18.14
CA LEU D 189 -36.35 -0.13 17.19
C LEU D 189 -35.38 -1.21 17.62
N LYS D 190 -35.79 -2.47 17.53
CA LYS D 190 -34.83 -3.58 17.58
C LYS D 190 -34.44 -3.89 16.13
N PRO D 191 -33.24 -4.49 15.92
CA PRO D 191 -32.84 -4.69 14.54
C PRO D 191 -33.69 -5.76 13.89
N SER D 192 -33.75 -5.73 12.56
CA SER D 192 -34.54 -6.69 11.77
C SER D 192 -33.89 -8.09 11.75
N PRO D 193 -34.54 -9.07 11.07
CA PRO D 193 -33.94 -10.41 10.82
C PRO D 193 -32.57 -10.45 10.15
N ARG D 194 -32.24 -9.42 9.37
CA ARG D 194 -30.88 -9.29 8.78
C ARG D 194 -29.89 -8.60 9.72
N GLY D 195 -30.41 -8.01 10.81
CA GLY D 195 -29.60 -7.24 11.74
C GLY D 195 -29.45 -5.78 11.31
N GLU D 196 -30.52 -5.22 10.77
CA GLU D 196 -30.52 -3.81 10.37
C GLU D 196 -31.65 -3.02 11.06
N LEU D 197 -31.32 -1.79 11.41
CA LEU D 197 -32.31 -0.85 11.95
C LEU D 197 -32.93 -0.17 10.72
N GLU D 198 -34.09 -0.66 10.32
CA GLU D 198 -34.69 -0.38 9.01
C GLU D 198 -35.28 1.03 8.95
N ILE D 199 -34.92 1.82 7.95
CA ILE D 199 -35.58 3.12 7.71
C ILE D 199 -37.09 2.89 7.51
N THR D 200 -37.46 1.78 6.85
CA THR D 200 -38.88 1.41 6.70
C THR D 200 -39.62 1.19 8.03
N ASP D 201 -38.91 0.72 9.06
CA ASP D 201 -39.49 0.70 10.41
C ASP D 201 -39.81 2.10 10.95
N VAL D 202 -38.91 3.06 10.73
CA VAL D 202 -39.19 4.46 11.13
C VAL D 202 -40.47 4.92 10.43
N ASN D 203 -40.57 4.63 9.14
CA ASN D 203 -41.65 5.18 8.35
C ASN D 203 -42.98 4.56 8.73
N ARG D 204 -43.00 3.25 8.92
CA ARG D 204 -44.19 2.57 9.44
C ARG D 204 -44.65 3.10 10.80
N ALA D 205 -43.70 3.41 11.67
CA ALA D 205 -44.03 3.99 12.97
C ALA D 205 -44.80 5.32 12.82
N TYR D 206 -44.35 6.19 11.90
CA TYR D 206 -45.13 7.40 11.55
C TYR D 206 -46.46 7.00 10.90
N LEU D 207 -46.41 6.11 9.91
CA LEU D 207 -47.65 5.55 9.35
C LEU D 207 -48.76 5.17 10.41
N GLU D 208 -48.39 4.32 11.38
CA GLU D 208 -49.29 3.86 12.47
C GLU D 208 -49.82 4.99 13.35
N ARG D 209 -49.06 6.08 13.43
CA ARG D 209 -49.49 7.25 14.21
C ARG D 209 -50.34 8.21 13.35
N GLY D 210 -50.70 7.78 12.15
CA GLY D 210 -51.35 8.67 11.18
C GLY D 210 -50.53 9.89 10.76
N GLN D 211 -49.20 9.84 10.86
CA GLN D 211 -48.39 11.03 10.56
C GLN D 211 -47.40 10.90 9.41
N LEU D 212 -47.48 9.84 8.65
CA LEU D 212 -46.65 9.68 7.46
C LEU D 212 -47.38 10.33 6.25
N SER D 213 -46.80 11.37 5.69
CA SER D 213 -47.24 11.89 4.40
C SER D 213 -46.46 11.23 3.29
N VAL D 214 -47.15 10.50 2.43
CA VAL D 214 -46.52 9.86 1.33
C VAL D 214 -47.02 10.53 0.08
N GLU D 215 -46.18 11.38 -0.51
CA GLU D 215 -46.55 12.09 -1.73
C GLU D 215 -45.96 11.41 -2.95
N ILE D 216 -46.69 11.48 -4.07
CA ILE D 216 -46.22 10.88 -5.30
C ILE D 216 -45.12 11.74 -5.95
N MET D 217 -44.07 11.09 -6.42
CA MET D 217 -43.08 11.76 -7.24
C MET D 217 -43.41 11.31 -8.63
N GLY D 218 -44.04 12.22 -9.39
CA GLY D 218 -44.60 11.91 -10.71
C GLY D 218 -43.66 11.25 -11.67
N ARG D 219 -44.21 10.59 -12.69
CA ARG D 219 -43.38 9.96 -13.73
C ARG D 219 -42.63 11.01 -14.61
N GLY D 220 -43.03 12.26 -14.52
CA GLY D 220 -42.25 13.35 -15.03
C GLY D 220 -40.94 13.58 -14.30
N TYR D 221 -40.77 13.03 -13.07
CA TYR D 221 -39.44 13.07 -12.42
C TYR D 221 -38.55 11.88 -12.78
N ALA D 222 -37.26 12.10 -12.98
CA ALA D 222 -36.27 11.03 -12.93
C ALA D 222 -35.68 10.87 -11.52
N TRP D 223 -35.81 9.64 -11.00
CA TRP D 223 -35.15 9.17 -9.80
C TRP D 223 -34.33 7.99 -10.21
N LEU D 224 -33.00 8.14 -10.20
CA LEU D 224 -32.08 7.02 -10.51
C LEU D 224 -31.23 6.75 -9.29
N ASP D 225 -30.89 5.48 -9.07
CA ASP D 225 -29.84 5.20 -8.11
C ASP D 225 -28.68 4.55 -8.82
N THR D 226 -27.55 4.60 -8.14
CA THR D 226 -26.28 4.51 -8.80
C THR D 226 -25.45 3.62 -7.94
N GLY D 227 -26.02 2.49 -7.54
CA GLY D 227 -25.36 1.49 -6.71
C GLY D 227 -24.70 0.28 -7.39
N THR D 228 -24.89 0.12 -8.70
CA THR D 228 -24.21 -0.93 -9.49
C THR D 228 -23.45 -0.27 -10.63
N HIS D 229 -22.53 -1.02 -11.23
CA HIS D 229 -21.74 -0.50 -12.31
C HIS D 229 -22.61 -0.10 -13.48
N ASP D 230 -23.64 -0.90 -13.74
CA ASP D 230 -24.54 -0.62 -14.87
C ASP D 230 -25.37 0.64 -14.64
N SER D 231 -25.87 0.85 -13.41
CA SER D 231 -26.77 1.98 -13.12
C SER D 231 -26.01 3.30 -13.02
N LEU D 232 -24.76 3.21 -12.59
CA LEU D 232 -23.86 4.33 -12.55
C LEU D 232 -23.66 4.84 -13.98
N LEU D 233 -23.23 3.94 -14.85
CA LEU D 233 -23.19 4.17 -16.28
C LEU D 233 -24.45 4.79 -16.90
N GLU D 234 -25.60 4.18 -16.65
CA GLU D 234 -26.91 4.72 -17.06
C GLU D 234 -27.13 6.15 -16.55
N ALA D 235 -26.76 6.38 -15.29
CA ALA D 235 -26.91 7.67 -14.67
C ALA D 235 -26.04 8.69 -15.37
N GLY D 236 -24.79 8.31 -15.66
CA GLY D 236 -23.85 9.16 -16.43
C GLY D 236 -24.36 9.64 -17.78
N GLN D 237 -24.86 8.70 -18.58
CA GLN D 237 -25.33 8.95 -19.94
C GLN D 237 -26.49 9.90 -19.92
N PHE D 238 -27.32 9.74 -18.90
CA PHE D 238 -28.53 10.54 -18.70
C PHE D 238 -28.21 12.00 -18.38
N ILE D 239 -27.39 12.21 -17.37
CA ILE D 239 -26.94 13.55 -17.01
C ILE D 239 -26.12 14.15 -18.18
N ALA D 240 -25.33 13.34 -18.85
CA ALA D 240 -24.51 13.84 -19.92
C ALA D 240 -25.34 14.42 -21.10
N THR D 241 -26.41 13.73 -21.46
CA THR D 241 -27.37 14.22 -22.44
C THR D 241 -28.13 15.48 -22.05
N LEU D 242 -28.57 15.58 -20.80
CA LEU D 242 -29.26 16.79 -20.37
C LEU D 242 -28.32 18.00 -20.45
N GLU D 243 -27.12 17.90 -19.91
CA GLU D 243 -26.20 19.03 -19.84
C GLU D 243 -25.72 19.39 -21.20
N ASN D 244 -25.30 18.43 -22.01
CA ASN D 244 -24.84 18.77 -23.37
C ASN D 244 -25.95 19.40 -24.23
N ARG D 245 -27.19 19.02 -23.96
CA ARG D 245 -28.33 19.56 -24.64
C ARG D 245 -28.51 21.01 -24.19
N GLN D 246 -28.47 21.23 -22.88
CA GLN D 246 -28.97 22.47 -22.31
C GLN D 246 -27.94 23.56 -22.18
N GLY D 247 -26.67 23.17 -22.12
CA GLY D 247 -25.60 24.05 -21.68
C GLY D 247 -25.72 24.38 -20.21
N LEU D 248 -26.58 23.66 -19.46
CA LEU D 248 -26.72 23.88 -18.02
C LEU D 248 -26.44 22.60 -17.23
N LYS D 249 -26.01 22.73 -15.99
CA LYS D 249 -25.63 21.56 -15.28
C LYS D 249 -26.73 21.07 -14.33
N VAL D 250 -26.70 19.78 -14.03
CA VAL D 250 -27.57 19.24 -13.00
C VAL D 250 -26.74 19.05 -11.71
N ALA D 251 -27.26 19.54 -10.60
CA ALA D 251 -26.54 19.44 -9.30
C ALA D 251 -25.10 19.99 -9.36
N CYS D 252 -24.98 21.26 -9.74
CA CYS D 252 -23.75 22.01 -9.58
C CYS D 252 -23.94 22.81 -8.29
N PRO D 253 -23.32 22.35 -7.18
CA PRO D 253 -23.56 22.93 -5.83
C PRO D 253 -23.26 24.44 -5.78
N GLU D 254 -22.25 24.86 -6.52
CA GLU D 254 -21.88 26.26 -6.50
C GLU D 254 -23.04 27.14 -6.98
N GLU D 255 -23.58 26.77 -8.14
CA GLU D 255 -24.75 27.40 -8.68
C GLU D 255 -25.90 27.36 -7.72
N ILE D 256 -26.22 26.17 -7.18
CA ILE D 256 -27.39 26.08 -6.27
C ILE D 256 -27.19 27.04 -5.11
N ALA D 257 -26.05 26.95 -4.43
CA ALA D 257 -25.72 27.90 -3.38
C ALA D 257 -25.85 29.34 -3.87
N TYR D 258 -25.33 29.62 -5.08
CA TYR D 258 -25.38 30.99 -5.63
C TYR D 258 -26.81 31.42 -5.87
N ARG D 259 -27.63 30.47 -6.32
CA ARG D 259 -29.03 30.79 -6.66
C ARG D 259 -29.87 30.89 -5.39
N GLN D 260 -29.44 30.23 -4.33
CA GLN D 260 -30.13 30.30 -3.04
C GLN D 260 -29.71 31.55 -2.21
N LYS D 261 -28.77 32.31 -2.79
CA LYS D 261 -28.26 33.56 -2.23
C LYS D 261 -27.37 33.29 -1.02
N TRP D 262 -26.82 32.07 -0.94
CA TRP D 262 -25.90 31.70 0.14
C TRP D 262 -24.46 32.10 -0.09
N ILE D 263 -24.04 32.19 -1.33
CA ILE D 263 -22.78 32.88 -1.69
C ILE D 263 -23.14 33.97 -2.69
N ASP D 264 -22.24 34.96 -2.86
CA ASP D 264 -22.51 36.14 -3.70
C ASP D 264 -21.70 36.15 -5.00
N ALA D 265 -21.96 37.12 -5.87
CA ALA D 265 -21.25 37.18 -7.15
C ALA D 265 -19.76 37.00 -6.93
N ALA D 266 -19.23 37.72 -5.95
CA ALA D 266 -17.80 37.78 -5.69
C ALA D 266 -17.25 36.42 -5.34
N GLN D 267 -17.90 35.71 -4.41
CA GLN D 267 -17.45 34.37 -4.00
C GLN D 267 -17.58 33.36 -5.12
N LEU D 268 -18.62 33.50 -5.94
CA LEU D 268 -18.75 32.65 -7.11
C LEU D 268 -17.63 32.90 -8.10
N GLU D 269 -17.21 34.15 -8.24
CA GLU D 269 -16.08 34.46 -9.14
C GLU D 269 -14.80 33.79 -8.64
N LYS D 270 -14.63 33.81 -7.31
CA LYS D 270 -13.44 33.25 -6.64
C LYS D 270 -13.40 31.73 -6.65
N LEU D 271 -14.55 31.08 -6.46
CA LEU D 271 -14.64 29.63 -6.72
C LEU D 271 -14.35 29.25 -8.19
N ALA D 272 -14.72 30.12 -9.12
CA ALA D 272 -14.52 29.83 -10.53
C ALA D 272 -13.04 29.89 -10.94
N ALA D 273 -12.27 30.80 -10.34
CA ALA D 273 -10.87 31.07 -10.74
C ALA D 273 -9.90 29.86 -10.84
N PRO D 274 -9.96 28.91 -9.88
CA PRO D 274 -9.02 27.78 -9.92
C PRO D 274 -9.32 26.72 -10.98
N LEU D 275 -10.52 26.78 -11.57
CA LEU D 275 -11.01 25.78 -12.53
C LEU D 275 -11.19 26.38 -13.91
N ALA D 276 -10.65 27.60 -14.05
CA ALA D 276 -10.92 28.49 -15.18
C ALA D 276 -10.46 27.95 -16.53
N LYS D 277 -9.65 26.88 -16.52
CA LYS D 277 -9.13 26.27 -17.75
C LYS D 277 -9.89 24.99 -18.15
N ASN D 278 -10.89 24.59 -17.36
CA ASN D 278 -11.84 23.57 -17.81
C ASN D 278 -13.24 24.14 -17.95
N GLY D 279 -14.13 23.36 -18.54
CA GLY D 279 -15.53 23.73 -18.74
C GLY D 279 -16.35 23.95 -17.47
N TYR D 280 -16.01 23.33 -16.36
CA TYR D 280 -16.75 23.56 -15.10
C TYR D 280 -16.52 24.97 -14.55
N GLY D 281 -15.27 25.40 -14.51
CA GLY D 281 -14.94 26.79 -14.22
C GLY D 281 -15.53 27.77 -15.21
N GLN D 282 -15.41 27.48 -16.51
CA GLN D 282 -15.95 28.36 -17.55
C GLN D 282 -17.46 28.55 -17.40
N TYR D 283 -18.12 27.54 -16.84
CA TYR D 283 -19.56 27.54 -16.60
C TYR D 283 -19.90 28.32 -15.36
N LEU D 284 -19.11 28.20 -14.31
CA LEU D 284 -19.35 29.01 -13.11
C LEU D 284 -19.21 30.48 -13.42
N LYS D 285 -18.19 30.83 -14.22
CA LYS D 285 -17.92 32.19 -14.64
C LYS D 285 -19.09 32.73 -15.48
N ARG D 286 -19.47 31.97 -16.50
CA ARG D 286 -20.68 32.24 -17.31
C ARG D 286 -21.89 32.56 -16.46
N LEU D 287 -22.00 31.90 -15.31
CA LEU D 287 -23.18 32.09 -14.47
C LEU D 287 -23.30 33.51 -13.86
N LEU D 288 -22.19 34.21 -13.75
CA LEU D 288 -22.16 35.59 -13.23
C LEU D 288 -22.85 36.66 -14.11
N THR D 289 -23.04 36.38 -15.39
CA THR D 289 -23.57 37.35 -16.37
C THR D 289 -24.60 36.78 -17.35
N GLU D 290 -25.16 35.60 -17.08
CA GLU D 290 -26.29 35.08 -17.87
C GLU D 290 -27.54 35.04 -17.02
N THR D 291 -28.64 35.52 -17.54
CA THR D 291 -29.88 35.23 -16.89
C THR D 291 -30.27 33.80 -17.27
N VAL D 292 -30.49 32.97 -16.27
CA VAL D 292 -31.00 31.63 -16.47
C VAL D 292 -32.29 31.45 -15.70
N TYR D 293 -33.38 31.21 -16.42
CA TYR D 293 -34.68 31.09 -15.81
C TYR D 293 -34.96 29.66 -15.30
CAW N6A E . -3.68 -0.32 27.40
CAX N6A E . -4.47 0.77 26.97
CBA N6A E . -4.77 1.80 27.86
CAZ N6A E . -4.27 1.76 29.16
CAY N6A E . -3.49 0.68 29.57
CAV N6A E . -3.17 -0.38 28.70
CAU N6A E . -2.37 -1.46 29.15
NAN N6A E . -1.12 -1.55 28.38
CAO N6A E . 0.00 -0.91 28.80
NAP N6A E . 0.06 -0.15 29.88
CAM N6A E . -1.10 -2.29 27.28
OAL N6A E . -2.11 -2.89 26.91
NAD N6A E . 0.01 -2.39 26.47
CAE N6A E . 1.18 -1.75 26.82
OAA N6A E . 2.14 -1.88 26.09
CAF N6A E . 1.16 -1.00 27.99
NAG N6A E . 2.30 -0.46 28.36
CAB N6A E . 3.27 -1.47 28.85
SAH N6A E . 2.74 1.08 28.06
OAQ N6A E . 1.80 2.08 28.67
OAC N6A E . 4.07 1.30 28.71
CAI N6A E . 2.91 1.26 26.23
CAJ N6A E . 4.16 1.26 25.64
CAK N6A E . 4.31 1.38 24.27
CAT N6A E . 3.20 1.56 23.47
CAS N6A E . 1.94 1.61 24.04
CAR N6A E . 1.80 1.46 25.42
CL CL F . 1.30 0.33 34.71
P PO4 G . 7.37 24.71 31.16
O1 PO4 G . 7.78 25.50 29.93
O2 PO4 G . 6.49 23.57 30.71
O3 PO4 G . 6.59 25.56 32.14
O4 PO4 G . 8.61 24.18 31.84
CAW N6A H . 40.11 -16.84 6.29
CAX N6A H . 40.22 -17.69 5.19
CBA N6A H . 39.78 -17.24 3.95
CAZ N6A H . 39.24 -15.96 3.82
CAY N6A H . 39.12 -15.12 4.91
CAV N6A H . 39.55 -15.56 6.17
CAU N6A H . 39.45 -14.73 7.30
NAN N6A H . 38.04 -14.49 7.75
CAO N6A H . 37.47 -15.31 8.66
NAP N6A H . 38.17 -16.34 9.14
CAM N6A H . 37.35 -13.43 7.27
OAL N6A H . 37.82 -12.66 6.44
NAD N6A H . 36.04 -13.21 7.68
CAE N6A H . 35.43 -14.01 8.62
OAA N6A H . 34.27 -13.76 8.95
CAF N6A H . 36.15 -15.10 9.11
NAG N6A H . 35.54 -15.85 10.07
CAB N6A H . 35.29 -15.14 11.37
SAH N6A H . 34.92 -17.31 9.78
OAQ N6A H . 35.99 -18.15 9.13
OAC N6A H . 34.45 -18.03 11.04
CAI N6A H . 33.53 -17.15 8.82
CAJ N6A H . 33.66 -16.96 7.44
CAK N6A H . 32.49 -16.83 6.65
CAT N6A H . 31.23 -16.90 7.26
CAS N6A H . 31.11 -17.10 8.64
CAR N6A H . 32.25 -17.20 9.42
CL CL I . 40.86 -18.43 12.98
CAW N6A J . -4.85 -14.08 -24.38
CAX N6A J . -3.46 -14.07 -24.43
CBA N6A J . -2.70 -13.91 -23.27
CAZ N6A J . -3.38 -13.76 -22.07
CAY N6A J . -4.76 -13.77 -22.03
CAV N6A J . -5.52 -13.93 -23.19
CAU N6A J . -6.91 -13.91 -23.17
NAN N6A J . -7.45 -12.54 -22.77
CAO N6A J . -7.73 -11.55 -23.70
NAP N6A J . -7.55 -11.66 -25.00
CAM N6A J . -7.66 -12.29 -21.47
OAL N6A J . -7.41 -13.17 -20.64
NAD N6A J . -8.17 -11.05 -21.05
CAE N6A J . -8.44 -10.01 -22.00
OAA N6A J . -8.86 -8.92 -21.63
CAF N6A J . -8.20 -10.31 -23.34
NAG N6A J . -8.52 -9.38 -24.29
CAB N6A J . -9.97 -9.22 -24.55
SAH N6A J . -7.46 -8.34 -25.00
OAQ N6A J . -6.28 -9.03 -25.76
OAC N6A J . -8.21 -7.50 -25.98
CAI N6A J . -6.86 -7.35 -23.80
CAJ N6A J . -5.90 -7.83 -22.94
CAK N6A J . -5.40 -7.01 -21.93
CAT N6A J . -5.90 -5.72 -21.82
CAS N6A J . -6.89 -5.24 -22.67
CAR N6A J . -7.36 -6.05 -23.67
CL CL K . -9.08 -13.29 -29.63
P PO4 L . 8.52 1.33 -40.93
O1 PO4 L . 7.59 2.51 -41.07
O2 PO4 L . 7.90 0.23 -40.08
O3 PO4 L . 9.82 1.80 -40.27
O4 PO4 L . 8.79 0.82 -42.30
CAW N6A M . -33.71 26.64 -8.86
CAX N6A M . -34.09 26.96 -7.57
CBA N6A M . -33.18 26.92 -6.55
CAZ N6A M . -31.88 26.55 -6.81
CAY N6A M . -31.51 26.22 -8.11
CAV N6A M . -32.40 26.25 -9.18
CAU N6A M . -32.01 25.94 -10.53
NAN N6A M . -31.40 24.51 -10.69
CAO N6A M . -32.16 23.40 -10.98
NAP N6A M . -33.50 23.45 -11.10
CAM N6A M . -30.07 24.36 -10.56
OAL N6A M . -29.43 25.38 -10.34
NAD N6A M . -29.42 23.08 -10.70
CAE N6A M . -30.20 21.94 -10.98
OAA N6A M . -29.70 20.82 -11.13
CAF N6A M . -31.57 22.12 -11.09
NAG N6A M . -32.29 21.06 -11.43
CAB N6A M . -32.18 20.65 -12.85
SAH N6A M . -33.08 20.16 -10.38
OAQ N6A M . -33.99 21.09 -9.61
OAC N6A M . -33.86 19.07 -11.11
CAI N6A M . -31.90 19.40 -9.33
CAJ N6A M . -31.36 20.08 -8.27
CAK N6A M . -30.42 19.47 -7.44
CAT N6A M . -30.03 18.17 -7.68
CAS N6A M . -30.57 17.50 -8.77
CAR N6A M . -31.50 18.11 -9.60
CL CL N . -37.71 23.59 -14.06
#